data_9L84
#
_entry.id   9L84
#
loop_
_entity.id
_entity.type
_entity.pdbx_description
1 polymer 'Guanine nucleotide-binding protein G(s) subunit alpha isoforms short'
2 polymer 'Guanine nucleotide-binding protein G(I)/G(S)/G(T) subunit beta-1'
3 polymer 'Guanine nucleotide-binding protein G(I)/G(S)/G(O) subunit gamma-2'
4 polymer NB35
5 polymer 'Beta-1 adrenergic receptor'
6 non-polymer '(3S,8S,9S,12S)-3,12-BIS(1,1-DIMETHYLETHYL)-8-HYDROXY-4,11-DIOXO-9-(PHENYLMETHYL)-6-[[4-(2-PYRIDINYL)PHENYL]METHYL]-2,5, 6,10,13-PENTAAZATETRADECANEDIOIC ACID DIMETHYL ESTER'
7 non-polymer L-EPINEPHRINE
#
loop_
_entity_poly.entity_id
_entity_poly.type
_entity_poly.pdbx_seq_one_letter_code
_entity_poly.pdbx_strand_id
1 'polypeptide(L)'
;MGCLGNSKTEDQRNEEKAQREANKKIEKQLQKDKQVYRATHRLLLLGAGESGKSTIVKQMRILHVNGFNGEGGEEDPQAA
RSNSDGEKATKVQDIKNNLKEAIETIVAAMSNLVPPVELANPENQFRVDYILSVMNVPDFDFPPEFYEHAKALWEDEGVR
ACYERSNEYQLIDCAQYFLDKIDVIKQDDYVPSDQDLLRCRVLTSGIFETKFQVDKVNFHMFDVGGQRDERRKWIQCFND
VTAIIFVVASSSYNMVIREDNQTNRLQEALNLFKSIWNNRWLRTISVILFLNKQDLLAEKVLAGKSKIEDYFPEFARYTT
PEDATPEPGEDPRVTRAKYFIRDEFLRISTASGDGRHYCYPHFTCAVDTENIRRVFNDCRDIIQRMHLRQYELL
;
A
2 'polypeptide(L)'
;MHHHHHHGSLLQSELDQLRQEAEQLKNQIRDARKACADATLSQITNNIDPVGRIQMRTRRTLRGHLAKIYAMHWGTDSRL
LVSASQDGKLIIWDSYTTNKVHAIPLRSSWVMTCAYAPSGNYVACGGLDNICSIYNLKTREGNVRVSRELAGHTGYLSCC
RFLDDNQIVTSSGDTTCALWDIETGQQTTTFTGHTGDVMSLSLAPDTRLFVSGACDASAKLWDVREGMCRQTFTGHESDI
NAICFFPNGNAFATGSDDATCRLFDLRADQELMTYSHDNIICGITSVSFSKSGRLLLAGYDDFNCNVWDALKADRAGVLA
GHDNRVSCLGVTDDGMAVATGSWDSFLKIWN
;
B
3 'polypeptide(L)' MASNNTASIAQARKLVEQLKMEANIDRIKVSKAAADLMAYCEAHAKEDPLLTPVPASENPFREKKFFC G
4 'polypeptide(L)'
;QVQLQESGGGLVQPGGSLRLSCAASGFTFSNYKMNWVRQAPGKGLEWVSDISQSGASISYTGSVKGRFTISRDNAKNTLY
LQMNSLKPEDTAVYYCARCPAPFTRDCFDVTSTTYAYRGQGTQVTVSSHHHHHHEPEA
;
N
5 'polypeptide(L)'
;MGAGVLVLGASEPGNLSSAAPLPDGAATAARLLVPASPPASLLPPASESPEPLSQQWTAGMGLLMALIVLLIVAGNVLVI
VAIAKTPRLQTLTNLFIMSLASADLVMGLLVVPFGATIVVWGRWEYGSFFCELWTSVDVLCVTASIETLCVIALDRYLAI
TSPFRYQSLLTRARARGLVCTVWAISALVSFLPILMHWWRAESDEARRCYNDPKCCDFVTNRAYAIASSVVSFYVPLCIM
AFVYLRVFREAQKQVKKIDSCERRFLGGPARPPSPSPSPVPAPAPPPGPPRPAAAAATAPLANGRAGKRRPSRLVALREQ
KALKTLGIIMGVFTLCWLPFFLANVVKAFHRELVPDRLFVFFNWLGYANSAFNPIIYCRSPDFRKAFQGLLCCARRAARR
RHATHGDRPRASGCLARPGPPPSPGAASDDDDDDVVGATPPARLLEPWAGCNGGAAADSDSSLDEPCRPGFASESKV
;
R
#
# COMPACT_ATOMS: atom_id res chain seq x y z
N GLU A 15 10.83 36.23 9.52
CA GLU A 15 10.71 36.18 8.06
C GLU A 15 10.95 34.76 7.55
N GLU A 16 11.34 34.65 6.27
CA GLU A 16 11.58 33.34 5.68
C GLU A 16 12.74 32.61 6.36
N LYS A 17 13.67 33.35 6.95
CA LYS A 17 14.81 32.72 7.62
C LYS A 17 14.34 31.88 8.80
N ALA A 18 13.41 32.39 9.60
CA ALA A 18 12.90 31.63 10.73
C ALA A 18 12.16 30.39 10.28
N GLN A 19 11.36 30.50 9.22
CA GLN A 19 10.64 29.33 8.70
C GLN A 19 11.63 28.28 8.20
N ARG A 20 12.67 28.72 7.49
CA ARG A 20 13.68 27.78 7.02
C ARG A 20 14.41 27.11 8.17
N GLU A 21 14.74 27.86 9.22
CA GLU A 21 15.42 27.27 10.38
C GLU A 21 14.53 26.25 11.07
N ALA A 22 13.25 26.58 11.25
CA ALA A 22 12.32 25.65 11.86
C ALA A 22 12.14 24.39 11.02
N ASN A 23 12.04 24.53 9.69
CA ASN A 23 11.95 23.36 8.83
C ASN A 23 13.20 22.51 8.90
N LYS A 24 14.38 23.15 8.97
CA LYS A 24 15.62 22.41 9.09
C LYS A 24 15.67 21.62 10.40
N LYS A 25 15.25 22.24 11.50
CA LYS A 25 15.22 21.54 12.78
C LYS A 25 14.24 20.36 12.75
N ILE A 26 13.07 20.57 12.15
CA ILE A 26 12.09 19.50 12.06
C ILE A 26 12.63 18.34 11.23
N GLU A 27 13.30 18.66 10.12
CA GLU A 27 13.89 17.60 9.30
C GLU A 27 15.03 16.90 10.02
N LYS A 28 15.79 17.64 10.83
CA LYS A 28 16.84 17.02 11.62
C LYS A 28 16.26 16.00 12.61
N GLN A 29 15.16 16.37 13.26
CA GLN A 29 14.47 15.41 14.14
C GLN A 29 13.92 14.24 13.33
N LEU A 30 13.37 14.52 12.15
CA LEU A 30 12.82 13.47 11.31
C LEU A 30 13.89 12.48 10.84
N GLN A 31 15.15 12.92 10.78
CA GLN A 31 16.24 12.01 10.44
C GLN A 31 16.38 10.91 11.48
N LYS A 32 16.47 11.29 12.76
CA LYS A 32 16.51 10.30 13.83
C LYS A 32 15.23 9.50 13.90
N ASP A 33 14.10 10.13 13.60
CA ASP A 33 12.84 9.39 13.56
C ASP A 33 12.86 8.31 12.47
N LYS A 34 13.42 8.65 11.30
CA LYS A 34 13.60 7.66 10.24
C LYS A 34 14.50 6.52 10.70
N GLN A 35 15.60 6.86 11.38
CA GLN A 35 16.50 5.81 11.87
C GLN A 35 15.78 4.85 12.81
N VAL A 36 15.06 5.40 13.78
CA VAL A 36 14.35 4.55 14.74
C VAL A 36 13.24 3.75 14.06
N TYR A 37 12.48 4.37 13.15
CA TYR A 37 11.39 3.68 12.48
C TYR A 37 11.89 2.55 11.61
N ARG A 38 13.01 2.75 10.90
CA ARG A 38 13.59 1.68 10.11
C ARG A 38 14.17 0.59 11.01
N ALA A 39 14.71 0.96 12.17
CA ALA A 39 15.22 -0.05 13.09
C ALA A 39 14.12 -0.94 13.63
N THR A 40 12.97 -0.37 13.98
CA THR A 40 11.90 -1.12 14.62
C THR A 40 11.11 -1.93 13.59
N HIS A 41 10.81 -3.17 13.93
CA HIS A 41 9.98 -4.04 13.09
C HIS A 41 8.63 -4.25 13.77
N ARG A 42 7.56 -3.97 13.04
CA ARG A 42 6.22 -4.06 13.59
C ARG A 42 5.59 -5.41 13.26
N LEU A 43 4.76 -5.89 14.18
CA LEU A 43 4.16 -7.22 14.07
C LEU A 43 2.70 -7.14 14.51
N LEU A 44 1.85 -7.91 13.83
CA LEU A 44 0.45 -8.00 14.20
C LEU A 44 0.14 -9.33 14.88
N LEU A 45 -0.63 -9.26 15.97
CA LEU A 45 -1.12 -10.44 16.67
C LEU A 45 -2.61 -10.54 16.36
N LEU A 46 -2.98 -11.54 15.58
CA LEU A 46 -4.36 -11.75 15.19
C LEU A 46 -4.82 -13.14 15.59
N GLY A 47 -6.01 -13.22 16.18
CA GLY A 47 -6.58 -14.49 16.57
C GLY A 47 -6.93 -14.57 18.04
N ALA A 48 -6.08 -13.99 18.89
CA ALA A 48 -6.32 -14.01 20.33
C ALA A 48 -5.58 -12.87 21.01
N PHE A 208 -2.37 -3.53 24.14
CA PHE A 208 -2.50 -3.13 22.74
C PHE A 208 -1.14 -3.08 22.07
N GLU A 209 -0.09 -2.79 22.83
CA GLU A 209 1.26 -2.70 22.31
C GLU A 209 2.20 -3.52 23.17
N THR A 210 3.21 -4.11 22.53
CA THR A 210 4.18 -4.96 23.22
C THR A 210 5.52 -4.84 22.51
N LYS A 211 6.48 -4.19 23.16
CA LYS A 211 7.83 -4.06 22.61
C LYS A 211 8.78 -4.99 23.37
N PHE A 212 9.53 -5.78 22.62
CA PHE A 212 10.45 -6.74 23.22
C PHE A 212 11.77 -6.74 22.46
N GLN A 213 12.85 -6.98 23.20
CA GLN A 213 14.21 -6.96 22.66
C GLN A 213 14.70 -8.39 22.52
N VAL A 214 15.17 -8.74 21.31
CA VAL A 214 15.76 -10.04 21.03
C VAL A 214 16.96 -9.83 20.12
N ASP A 215 18.13 -10.32 20.56
CA ASP A 215 19.38 -10.18 19.82
C ASP A 215 19.62 -8.73 19.39
N LYS A 216 19.15 -7.80 20.22
CA LYS A 216 19.39 -6.37 20.04
C LYS A 216 18.82 -5.85 18.72
N VAL A 217 17.56 -6.17 18.43
CA VAL A 217 16.82 -5.53 17.35
C VAL A 217 15.42 -5.20 17.86
N ASN A 218 14.96 -3.98 17.58
CA ASN A 218 13.65 -3.55 18.05
C ASN A 218 12.55 -4.40 17.43
N PHE A 219 11.55 -4.73 18.24
CA PHE A 219 10.36 -5.43 17.78
C PHE A 219 9.15 -4.83 18.45
N HIS A 220 8.05 -4.74 17.71
CA HIS A 220 6.81 -4.10 18.17
C HIS A 220 5.62 -5.00 17.87
N MET A 221 5.03 -5.55 18.93
CA MET A 221 3.81 -6.34 18.80
C MET A 221 2.59 -5.49 19.10
N PHE A 222 1.53 -5.66 18.31
CA PHE A 222 0.28 -4.97 18.62
C PHE A 222 -0.91 -5.89 18.42
N ASP A 223 -1.76 -5.96 19.45
CA ASP A 223 -3.01 -6.71 19.41
C ASP A 223 -4.14 -5.70 19.35
N VAL A 224 -5.07 -5.92 18.42
CA VAL A 224 -6.08 -4.93 18.11
C VAL A 224 -7.44 -5.53 18.48
N GLY A 225 -7.44 -6.36 19.53
CA GLY A 225 -8.66 -6.99 19.97
C GLY A 225 -9.68 -6.05 20.60
N GLY A 226 -9.35 -4.76 20.72
CA GLY A 226 -10.27 -3.78 21.27
C GLY A 226 -11.28 -3.24 20.28
N GLN A 227 -11.28 -3.72 19.04
CA GLN A 227 -12.23 -3.29 18.03
C GLN A 227 -13.27 -4.37 17.80
N ARG A 228 -14.29 -4.04 17.01
CA ARG A 228 -15.39 -4.95 16.75
C ARG A 228 -14.96 -6.07 15.79
N ASP A 229 -15.85 -7.03 15.61
CA ASP A 229 -15.58 -8.15 14.71
C ASP A 229 -15.46 -7.71 13.26
N GLU A 230 -15.97 -6.52 12.92
CA GLU A 230 -15.80 -5.98 11.57
C GLU A 230 -14.33 -5.69 11.33
N ARG A 231 -13.69 -6.49 10.48
CA ARG A 231 -12.24 -6.48 10.34
C ARG A 231 -11.74 -6.01 8.98
N ARG A 232 -12.62 -5.85 8.00
CA ARG A 232 -12.18 -5.64 6.62
C ARG A 232 -11.61 -4.25 6.37
N LYS A 233 -11.85 -3.29 7.26
CA LYS A 233 -11.52 -1.90 6.94
C LYS A 233 -10.53 -1.26 7.89
N TRP A 234 -10.26 -1.86 9.04
CA TRP A 234 -9.11 -1.46 9.83
C TRP A 234 -7.86 -2.28 9.53
N ILE A 235 -8.02 -3.47 8.94
CA ILE A 235 -6.85 -4.25 8.55
C ILE A 235 -6.21 -3.69 7.29
N GLN A 236 -6.94 -2.88 6.52
CA GLN A 236 -6.35 -2.14 5.41
C GLN A 236 -5.23 -1.22 5.89
N CYS A 237 -5.27 -0.83 7.17
CA CYS A 237 -4.31 0.07 7.77
C CYS A 237 -3.04 -0.66 8.22
N PHE A 238 -3.01 -1.99 8.08
CA PHE A 238 -1.91 -2.83 8.56
C PHE A 238 -1.29 -3.51 7.34
N ASN A 239 -0.37 -2.81 6.69
CA ASN A 239 0.32 -3.37 5.53
C ASN A 239 1.81 -3.07 5.47
N ASP A 240 2.35 -2.23 6.35
CA ASP A 240 3.78 -2.02 6.43
C ASP A 240 4.47 -2.91 7.45
N VAL A 241 3.71 -3.77 8.14
CA VAL A 241 4.29 -4.63 9.16
C VAL A 241 5.15 -5.70 8.48
N THR A 242 6.17 -6.17 9.20
CA THR A 242 7.02 -7.22 8.65
C THR A 242 6.26 -8.53 8.49
N ALA A 243 5.39 -8.85 9.44
CA ALA A 243 4.62 -10.09 9.38
C ALA A 243 3.34 -9.94 10.18
N ILE A 244 2.37 -10.79 9.86
CA ILE A 244 1.15 -10.90 10.65
C ILE A 244 1.21 -12.23 11.39
N ILE A 245 1.31 -12.19 12.71
CA ILE A 245 1.41 -13.40 13.51
C ILE A 245 0.00 -13.90 13.81
N PHE A 246 -0.37 -15.02 13.21
CA PHE A 246 -1.72 -15.56 13.28
C PHE A 246 -1.71 -16.75 14.22
N VAL A 247 -2.39 -16.61 15.35
CA VAL A 247 -2.47 -17.67 16.35
C VAL A 247 -3.85 -18.31 16.25
N VAL A 248 -3.87 -19.65 16.29
CA VAL A 248 -5.12 -20.40 16.20
C VAL A 248 -5.18 -21.39 17.36
N ALA A 249 -6.39 -21.82 17.67
CA ALA A 249 -6.63 -22.84 18.67
C ALA A 249 -6.83 -24.16 17.94
N SER A 250 -5.95 -25.12 18.21
CA SER A 250 -5.99 -26.41 17.52
C SER A 250 -7.17 -27.27 17.94
N SER A 251 -7.90 -26.90 18.99
CA SER A 251 -9.07 -27.64 19.41
C SER A 251 -10.20 -27.54 18.39
N THR A 263 -19.65 -24.89 16.45
CA THR A 263 -18.99 -23.60 16.32
C THR A 263 -17.93 -23.65 15.22
N ASN A 264 -17.06 -24.66 15.30
CA ASN A 264 -16.00 -24.88 14.32
C ASN A 264 -15.08 -23.66 14.22
N ARG A 265 -14.38 -23.40 15.33
CA ARG A 265 -13.44 -22.29 15.37
C ARG A 265 -12.25 -22.50 14.45
N LEU A 266 -12.07 -23.70 13.92
CA LEU A 266 -10.92 -23.97 13.05
C LEU A 266 -11.12 -23.36 11.66
N GLN A 267 -12.26 -23.63 11.04
CA GLN A 267 -12.52 -23.07 9.72
C GLN A 267 -12.66 -21.55 9.78
N GLU A 268 -13.10 -21.01 10.91
CA GLU A 268 -13.13 -19.57 11.07
C GLU A 268 -11.73 -18.98 10.98
N ALA A 269 -10.75 -19.67 11.57
CA ALA A 269 -9.36 -19.27 11.39
C ALA A 269 -8.91 -19.48 9.95
N LEU A 270 -9.36 -20.57 9.32
CA LEU A 270 -9.04 -20.82 7.93
C LEU A 270 -9.56 -19.71 7.03
N ASN A 271 -10.83 -19.33 7.20
CA ASN A 271 -11.42 -18.30 6.36
C ASN A 271 -10.77 -16.94 6.61
N LEU A 272 -10.42 -16.65 7.86
CA LEU A 272 -9.69 -15.42 8.13
C LEU A 272 -8.33 -15.42 7.45
N PHE A 273 -7.61 -16.54 7.49
CA PHE A 273 -6.32 -16.64 6.82
C PHE A 273 -6.45 -16.51 5.31
N LYS A 274 -7.55 -16.99 4.73
CA LYS A 274 -7.79 -16.78 3.31
C LYS A 274 -7.94 -15.30 3.00
N SER A 275 -8.65 -14.56 3.85
CA SER A 275 -8.82 -13.13 3.63
C SER A 275 -7.50 -12.38 3.73
N ILE A 276 -6.64 -12.76 4.68
CA ILE A 276 -5.35 -12.11 4.83
C ILE A 276 -4.48 -12.35 3.60
N TRP A 277 -4.45 -13.60 3.12
CA TRP A 277 -3.53 -13.95 2.04
C TRP A 277 -3.94 -13.28 0.73
N ASN A 278 -5.24 -13.27 0.43
CA ASN A 278 -5.74 -12.85 -0.87
C ASN A 278 -6.10 -11.37 -0.92
N ASN A 279 -5.96 -10.65 0.18
CA ASN A 279 -6.32 -9.24 0.20
C ASN A 279 -5.38 -8.43 -0.69
N ARG A 280 -5.91 -7.39 -1.33
CA ARG A 280 -5.11 -6.59 -2.24
C ARG A 280 -4.00 -5.85 -1.49
N TRP A 281 -4.31 -5.32 -0.31
CA TRP A 281 -3.35 -4.48 0.39
C TRP A 281 -2.55 -5.26 1.43
N LEU A 282 -2.92 -6.51 1.69
CA LEU A 282 -2.14 -7.42 2.52
C LEU A 282 -1.38 -8.44 1.69
N ARG A 283 -1.20 -8.18 0.39
CA ARG A 283 -0.65 -9.19 -0.50
C ARG A 283 0.87 -9.33 -0.35
N THR A 284 1.51 -8.38 0.33
CA THR A 284 2.96 -8.40 0.50
C THR A 284 3.37 -8.65 1.95
N ILE A 285 2.51 -9.30 2.72
CA ILE A 285 2.75 -9.53 4.14
C ILE A 285 2.80 -11.03 4.39
N SER A 286 3.90 -11.49 5.00
CA SER A 286 4.02 -12.88 5.39
C SER A 286 3.30 -13.12 6.71
N VAL A 287 2.98 -14.38 6.97
CA VAL A 287 2.25 -14.78 8.17
C VAL A 287 3.13 -15.74 8.97
N ILE A 288 3.33 -15.42 10.24
CA ILE A 288 3.99 -16.30 11.20
C ILE A 288 2.87 -17.04 11.93
N LEU A 289 2.43 -18.17 11.38
CA LEU A 289 1.30 -18.89 11.91
C LEU A 289 1.71 -19.64 13.17
N PHE A 290 0.89 -19.55 14.21
CA PHE A 290 1.13 -20.24 15.47
C PHE A 290 -0.07 -21.11 15.79
N LEU A 291 0.14 -22.41 15.89
CA LEU A 291 -0.92 -23.35 16.22
C LEU A 291 -0.91 -23.55 17.74
N ASN A 292 -1.58 -22.64 18.44
CA ASN A 292 -1.59 -22.59 19.89
C ASN A 292 -2.60 -23.63 20.40
N LYS A 293 -2.58 -23.90 21.70
CA LYS A 293 -3.48 -24.85 22.36
C LYS A 293 -3.29 -26.27 21.84
N GLN A 294 -2.04 -26.61 21.47
CA GLN A 294 -1.75 -27.98 21.07
C GLN A 294 -1.92 -28.95 22.23
N ASP A 295 -1.48 -28.54 23.43
CA ASP A 295 -1.68 -29.38 24.61
C ASP A 295 -3.17 -29.58 24.89
N LEU A 296 -3.96 -28.51 24.77
CA LEU A 296 -5.40 -28.66 24.89
C LEU A 296 -5.93 -29.59 23.80
N LEU A 297 -5.41 -29.46 22.57
CA LEU A 297 -5.74 -30.40 21.52
C LEU A 297 -5.26 -31.81 21.88
N ALA A 298 -4.03 -31.92 22.37
CA ALA A 298 -3.45 -33.23 22.67
C ALA A 298 -4.26 -33.95 23.74
N GLU A 299 -4.65 -33.24 24.80
CA GLU A 299 -5.53 -33.84 25.80
C GLU A 299 -6.88 -34.19 25.22
N LYS A 300 -7.32 -33.45 24.20
CA LYS A 300 -8.61 -33.74 23.57
C LYS A 300 -8.54 -35.03 22.75
N VAL A 301 -7.49 -35.19 21.94
CA VAL A 301 -7.40 -36.36 21.07
C VAL A 301 -6.67 -37.48 21.81
N LEU A 302 -7.43 -38.24 22.60
CA LEU A 302 -7.00 -39.52 23.15
C LEU A 302 -8.17 -40.49 23.16
N ALA A 303 -9.31 -40.03 22.65
CA ALA A 303 -10.54 -40.81 22.57
C ALA A 303 -11.48 -40.11 21.60
N GLY A 304 -12.54 -40.79 21.20
CA GLY A 304 -13.47 -40.23 20.25
C GLY A 304 -14.39 -39.17 20.83
N LYS A 305 -13.81 -38.07 21.31
CA LYS A 305 -14.60 -36.96 21.85
C LYS A 305 -15.27 -36.17 20.74
N SER A 306 -14.48 -35.62 19.82
CA SER A 306 -14.98 -34.91 18.64
C SER A 306 -14.06 -35.30 17.48
N LYS A 307 -14.44 -36.34 16.74
CA LYS A 307 -13.59 -36.86 15.69
C LYS A 307 -13.43 -35.84 14.57
N ILE A 308 -12.18 -35.52 14.23
CA ILE A 308 -11.92 -34.59 13.15
C ILE A 308 -12.36 -35.19 11.82
N GLU A 309 -12.23 -36.51 11.66
CA GLU A 309 -12.64 -37.16 10.42
C GLU A 309 -14.13 -36.92 10.15
N ASP A 310 -14.96 -37.03 11.18
CA ASP A 310 -16.37 -36.70 11.05
C ASP A 310 -16.64 -35.20 11.08
N TYR A 311 -15.62 -34.39 11.34
CA TYR A 311 -15.75 -32.94 11.39
C TYR A 311 -15.07 -32.28 10.20
N PHE A 312 -13.90 -32.78 9.81
CA PHE A 312 -13.22 -32.38 8.58
C PHE A 312 -13.05 -33.61 7.70
N PRO A 313 -13.55 -33.59 6.46
CA PRO A 313 -13.31 -34.74 5.56
C PRO A 313 -11.86 -34.84 5.15
N GLU A 314 -11.57 -35.77 4.23
CA GLU A 314 -10.23 -36.11 3.74
C GLU A 314 -9.22 -36.20 4.89
N PHE A 315 -9.68 -36.66 6.06
CA PHE A 315 -8.80 -36.99 7.16
C PHE A 315 -8.40 -38.46 7.15
N ALA A 316 -9.35 -39.36 6.91
CA ALA A 316 -9.04 -40.78 6.79
C ALA A 316 -8.17 -41.09 5.58
N ARG A 317 -8.08 -40.16 4.62
CA ARG A 317 -7.22 -40.32 3.45
C ARG A 317 -5.92 -39.54 3.60
N TYR A 318 -5.61 -39.09 4.80
CA TYR A 318 -4.42 -38.27 5.05
C TYR A 318 -3.57 -38.96 6.12
N THR A 319 -2.27 -39.03 5.85
CA THR A 319 -1.31 -39.61 6.78
C THR A 319 -0.19 -38.59 7.02
N THR A 320 0.58 -38.84 8.07
CA THR A 320 1.68 -37.95 8.40
C THR A 320 2.70 -37.94 7.25
N PRO A 321 3.22 -36.78 6.88
CA PRO A 321 4.15 -36.72 5.74
C PRO A 321 5.48 -37.38 6.06
N GLU A 322 6.13 -37.89 5.02
CA GLU A 322 7.45 -38.48 5.18
C GLU A 322 8.47 -37.46 5.62
N ASP A 323 8.42 -36.24 5.05
CA ASP A 323 9.35 -35.16 5.40
C ASP A 323 8.86 -34.43 6.64
N ALA A 324 8.73 -35.19 7.73
CA ALA A 324 8.22 -34.66 8.99
C ALA A 324 9.16 -35.04 10.12
N THR A 325 9.02 -34.31 11.23
CA THR A 325 9.83 -34.54 12.44
C THR A 325 8.87 -34.71 13.61
N PRO A 326 8.21 -35.87 13.73
CA PRO A 326 7.26 -36.06 14.84
C PRO A 326 7.88 -35.90 16.21
N GLU A 327 9.12 -36.35 16.40
CA GLU A 327 9.87 -36.30 17.65
C GLU A 327 9.22 -37.19 18.71
N PRO A 328 9.93 -37.55 19.78
CA PRO A 328 9.30 -38.35 20.85
C PRO A 328 8.17 -37.62 21.52
N GLY A 329 6.96 -38.15 21.42
CA GLY A 329 5.79 -37.52 21.99
C GLY A 329 4.68 -38.48 22.34
N GLU A 330 3.45 -38.10 22.02
CA GLU A 330 2.27 -38.90 22.34
C GLU A 330 2.05 -39.96 21.26
N ASP A 331 0.86 -40.57 21.29
CA ASP A 331 0.50 -41.57 20.29
C ASP A 331 0.61 -40.97 18.90
N PRO A 332 1.17 -41.68 17.92
CA PRO A 332 1.34 -41.11 16.58
C PRO A 332 0.04 -40.69 15.90
N ARG A 333 -1.10 -40.93 16.56
CA ARG A 333 -2.37 -40.44 16.04
C ARG A 333 -2.46 -38.92 16.12
N VAL A 334 -1.97 -38.31 17.20
CA VAL A 334 -2.13 -36.87 17.39
C VAL A 334 -1.29 -36.11 16.37
N THR A 335 -0.06 -36.58 16.12
CA THR A 335 0.80 -35.88 15.17
C THR A 335 0.27 -35.97 13.75
N ARG A 336 -0.55 -36.97 13.45
CA ARG A 336 -1.24 -37.01 12.17
C ARG A 336 -2.25 -35.87 12.06
N ALA A 337 -3.02 -35.64 13.14
CA ALA A 337 -3.91 -34.50 13.18
C ALA A 337 -3.15 -33.20 13.39
N LYS A 338 -2.03 -33.28 14.12
CA LYS A 338 -1.19 -32.10 14.33
C LYS A 338 -0.69 -31.55 13.00
N TYR A 339 -0.23 -32.42 12.11
CA TYR A 339 0.28 -32.00 10.81
C TYR A 339 -0.83 -31.73 9.81
N PHE A 340 -2.04 -32.24 10.06
CA PHE A 340 -3.14 -32.03 9.12
C PHE A 340 -3.58 -30.57 9.10
N ILE A 341 -3.68 -29.97 10.28
CA ILE A 341 -4.08 -28.56 10.35
C ILE A 341 -3.02 -27.68 9.69
N ARG A 342 -1.74 -27.96 9.93
CA ARG A 342 -0.68 -27.20 9.27
C ARG A 342 -0.74 -27.38 7.77
N ASP A 343 -0.97 -28.60 7.31
CA ASP A 343 -1.05 -28.84 5.87
C ASP A 343 -2.20 -28.07 5.25
N GLU A 344 -3.38 -28.06 5.88
CA GLU A 344 -4.51 -27.34 5.34
C GLU A 344 -4.26 -25.84 5.30
N PHE A 345 -3.59 -25.29 6.31
CA PHE A 345 -3.23 -23.88 6.28
C PHE A 345 -2.28 -23.60 5.11
N LEU A 346 -1.36 -24.51 4.85
CA LEU A 346 -0.35 -24.27 3.82
C LEU A 346 -0.92 -24.33 2.41
N ARG A 347 -1.95 -25.16 2.19
CA ARG A 347 -2.56 -25.21 0.87
C ARG A 347 -3.11 -23.86 0.45
N ILE A 348 -3.57 -23.07 1.42
CA ILE A 348 -3.97 -21.70 1.12
C ILE A 348 -2.75 -20.84 0.82
N SER A 349 -1.66 -21.05 1.57
CA SER A 349 -0.46 -20.25 1.37
C SER A 349 0.18 -20.51 0.01
N THR A 350 0.23 -21.78 -0.41
CA THR A 350 0.89 -22.11 -1.67
C THR A 350 -0.02 -21.96 -2.88
N ALA A 351 -1.31 -21.67 -2.69
CA ALA A 351 -2.22 -21.51 -3.82
C ALA A 351 -2.13 -20.14 -4.46
N SER A 352 -1.52 -19.16 -3.79
CA SER A 352 -1.39 -17.81 -4.31
C SER A 352 -0.16 -17.17 -3.69
N GLY A 353 -0.03 -15.86 -3.86
CA GLY A 353 1.10 -15.14 -3.31
C GLY A 353 2.42 -15.60 -3.90
N ASP A 354 2.61 -15.32 -5.19
CA ASP A 354 3.75 -15.82 -5.95
C ASP A 354 5.07 -15.62 -5.21
N GLY A 355 5.41 -14.37 -4.90
CA GLY A 355 6.68 -14.13 -4.24
C GLY A 355 6.62 -13.21 -3.03
N ARG A 356 5.52 -12.48 -2.87
CA ARG A 356 5.35 -11.58 -1.74
C ARG A 356 4.77 -12.26 -0.52
N HIS A 357 4.38 -13.53 -0.64
CA HIS A 357 3.75 -14.27 0.43
C HIS A 357 4.60 -15.48 0.81
N TYR A 358 4.74 -15.70 2.11
CA TYR A 358 5.36 -16.91 2.65
C TYR A 358 4.75 -17.19 4.00
N CYS A 359 4.35 -18.44 4.24
CA CYS A 359 3.79 -18.83 5.53
C CYS A 359 4.83 -19.59 6.33
N TYR A 360 4.85 -19.35 7.64
CA TYR A 360 5.83 -19.91 8.56
C TYR A 360 5.09 -20.58 9.72
N PRO A 361 4.55 -21.77 9.49
CA PRO A 361 3.81 -22.45 10.56
C PRO A 361 4.74 -22.92 11.67
N HIS A 362 4.18 -23.01 12.88
CA HIS A 362 4.93 -23.50 14.03
C HIS A 362 3.97 -24.24 14.95
N PHE A 363 4.51 -25.23 15.66
CA PHE A 363 3.76 -26.03 16.62
C PHE A 363 4.20 -25.61 18.02
N THR A 364 3.38 -24.79 18.68
CA THR A 364 3.74 -24.30 19.99
C THR A 364 2.49 -23.90 20.76
N CYS A 365 2.39 -24.38 21.99
CA CYS A 365 1.37 -23.91 22.93
C CYS A 365 1.87 -23.66 24.33
N ALA A 366 2.92 -24.34 24.80
CA ALA A 366 3.37 -24.23 26.17
C ALA A 366 4.34 -23.07 26.34
N VAL A 367 4.16 -22.33 27.43
CA VAL A 367 5.03 -21.21 27.72
C VAL A 367 6.44 -21.72 28.00
N ASP A 368 7.36 -21.42 27.10
CA ASP A 368 8.75 -21.86 27.25
C ASP A 368 9.77 -20.78 26.89
N THR A 369 9.32 -19.58 26.51
CA THR A 369 10.11 -18.38 26.25
C THR A 369 10.92 -18.46 24.96
N GLU A 370 10.93 -19.58 24.25
CA GLU A 370 11.58 -19.64 22.94
C GLU A 370 10.64 -19.31 21.80
N ASN A 371 9.36 -19.06 22.10
CA ASN A 371 8.42 -18.69 21.05
C ASN A 371 8.77 -17.36 20.42
N ILE A 372 9.17 -16.38 21.24
CA ILE A 372 9.62 -15.10 20.71
C ILE A 372 10.89 -15.27 19.89
N ARG A 373 11.76 -16.20 20.29
CA ARG A 373 12.92 -16.53 19.47
C ARG A 373 12.49 -17.11 18.13
N ARG A 374 11.44 -17.94 18.11
CA ARG A 374 10.97 -18.50 16.86
C ARG A 374 10.47 -17.40 15.93
N VAL A 375 9.98 -16.29 16.50
CA VAL A 375 9.57 -15.16 15.69
C VAL A 375 10.77 -14.47 15.07
N PHE A 376 11.86 -14.33 15.84
CA PHE A 376 13.07 -13.70 15.31
C PHE A 376 13.61 -14.46 14.11
N ASN A 377 13.68 -15.79 14.22
CA ASN A 377 14.14 -16.59 13.08
C ASN A 377 13.18 -16.48 11.91
N ASP A 378 11.90 -16.30 12.19
CA ASP A 378 10.92 -16.14 11.11
C ASP A 378 11.01 -14.77 10.46
N CYS A 379 11.15 -13.72 11.28
CA CYS A 379 11.23 -12.37 10.72
C CYS A 379 12.54 -12.14 9.99
N ARG A 380 13.61 -12.83 10.39
CA ARG A 380 14.86 -12.74 9.64
C ARG A 380 14.69 -13.26 8.22
N ASP A 381 14.00 -14.38 8.07
CA ASP A 381 13.80 -14.95 6.74
C ASP A 381 12.87 -14.10 5.90
N ILE A 382 11.92 -13.40 6.53
CA ILE A 382 10.98 -12.58 5.79
C ILE A 382 11.70 -11.42 5.11
N ILE A 383 12.55 -10.71 5.87
CA ILE A 383 13.30 -9.61 5.30
C ILE A 383 14.35 -10.14 4.33
N GLN A 384 14.97 -11.28 4.66
CA GLN A 384 15.95 -11.88 3.76
C GLN A 384 15.32 -12.25 2.43
N ARG A 385 14.13 -12.87 2.46
CA ARG A 385 13.45 -13.20 1.21
C ARG A 385 12.95 -11.95 0.50
N MET A 386 12.61 -10.91 1.26
CA MET A 386 12.22 -9.64 0.64
C MET A 386 13.37 -9.04 -0.14
N HIS A 387 14.58 -9.06 0.43
CA HIS A 387 15.73 -8.49 -0.25
C HIS A 387 16.16 -9.35 -1.44
N LEU A 388 16.02 -10.67 -1.33
CA LEU A 388 16.38 -11.54 -2.45
C LEU A 388 15.51 -11.27 -3.67
N ARG A 389 14.21 -11.09 -3.46
CA ARG A 389 13.32 -10.75 -4.56
C ARG A 389 13.60 -9.34 -5.07
N GLN A 390 13.83 -8.39 -4.16
CA GLN A 390 14.04 -6.99 -4.52
C GLN A 390 15.28 -6.80 -5.39
N TYR A 391 16.26 -7.69 -5.28
CA TYR A 391 17.43 -7.65 -6.15
C TYR A 391 17.28 -8.59 -7.34
N GLU A 392 16.06 -9.09 -7.58
CA GLU A 392 15.77 -10.00 -8.69
C GLU A 392 16.67 -11.23 -8.64
N LEU A 393 16.80 -11.80 -7.45
CA LEU A 393 17.72 -12.91 -7.22
C LEU A 393 17.01 -14.22 -6.93
N LEU A 394 16.01 -14.21 -6.04
CA LEU A 394 15.27 -15.43 -5.74
C LEU A 394 14.24 -15.72 -6.82
N GLN B 12 -39.73 -14.32 17.00
CA GLN B 12 -41.17 -14.47 17.19
C GLN B 12 -41.95 -13.72 16.12
N SER B 13 -43.28 -13.77 16.21
CA SER B 13 -44.12 -13.08 15.23
C SER B 13 -44.12 -11.58 15.44
N GLU B 14 -43.74 -11.12 16.63
CA GLU B 14 -43.70 -9.69 16.89
C GLU B 14 -42.66 -9.01 16.01
N LEU B 15 -41.43 -9.53 16.03
CA LEU B 15 -40.40 -9.06 15.12
C LEU B 15 -40.85 -9.22 13.67
N ASP B 16 -41.67 -10.24 13.40
CA ASP B 16 -42.11 -10.49 12.03
C ASP B 16 -42.98 -9.34 11.51
N GLN B 17 -44.01 -8.94 12.27
CA GLN B 17 -44.85 -7.90 11.68
C GLN B 17 -44.16 -6.55 11.81
N LEU B 18 -43.22 -6.41 12.76
CA LEU B 18 -42.41 -5.20 12.80
C LEU B 18 -41.56 -5.06 11.54
N ARG B 19 -40.95 -6.16 11.10
CA ARG B 19 -40.20 -6.15 9.84
C ARG B 19 -41.11 -5.91 8.65
N GLN B 20 -42.34 -6.46 8.70
CA GLN B 20 -43.30 -6.20 7.65
C GLN B 20 -43.65 -4.71 7.56
N GLU B 21 -43.86 -4.08 8.72
CA GLU B 21 -44.12 -2.64 8.75
C GLU B 21 -42.93 -1.85 8.23
N ALA B 22 -41.72 -2.29 8.59
CA ALA B 22 -40.52 -1.63 8.07
C ALA B 22 -40.43 -1.75 6.56
N GLU B 23 -40.76 -2.92 6.02
CA GLU B 23 -40.76 -3.10 4.57
C GLU B 23 -41.83 -2.23 3.90
N GLN B 24 -43.00 -2.11 4.52
CA GLN B 24 -44.03 -1.23 3.98
C GLN B 24 -43.57 0.22 3.97
N LEU B 25 -42.91 0.65 5.04
CA LEU B 25 -42.39 2.02 5.08
C LEU B 25 -41.30 2.22 4.04
N LYS B 26 -40.47 1.21 3.81
CA LYS B 26 -39.44 1.31 2.78
C LYS B 26 -40.06 1.42 1.39
N ASN B 27 -41.12 0.64 1.14
CA ASN B 27 -41.82 0.77 -0.14
C ASN B 27 -42.44 2.15 -0.30
N GLN B 28 -42.99 2.69 0.79
CA GLN B 28 -43.54 4.05 0.74
C GLN B 28 -42.44 5.07 0.42
N ILE B 29 -41.28 4.95 1.06
CA ILE B 29 -40.19 5.88 0.77
C ILE B 29 -39.74 5.74 -0.67
N ARG B 30 -39.71 4.51 -1.19
CA ARG B 30 -39.27 4.29 -2.56
C ARG B 30 -40.24 4.89 -3.57
N ASP B 31 -41.54 4.70 -3.37
CA ASP B 31 -42.49 5.24 -4.33
C ASP B 31 -42.62 6.75 -4.20
N ALA B 32 -42.42 7.29 -3.00
CA ALA B 32 -42.36 8.74 -2.85
C ALA B 32 -41.15 9.32 -3.57
N ARG B 33 -40.01 8.65 -3.49
CA ARG B 33 -38.83 9.09 -4.24
C ARG B 33 -39.09 9.01 -5.74
N LYS B 34 -39.73 7.93 -6.19
CA LYS B 34 -40.01 7.77 -7.62
C LYS B 34 -40.96 8.84 -8.12
N ALA B 35 -41.95 9.22 -7.30
CA ALA B 35 -42.90 10.25 -7.69
C ALA B 35 -42.24 11.61 -7.87
N CYS B 36 -41.07 11.83 -7.24
CA CYS B 36 -40.34 13.09 -7.37
C CYS B 36 -39.18 12.99 -8.36
N ALA B 37 -39.34 12.19 -9.42
CA ALA B 37 -38.28 11.98 -10.39
C ALA B 37 -38.72 12.43 -11.78
N ASP B 38 -39.32 13.63 -11.86
CA ASP B 38 -39.87 14.09 -13.13
C ASP B 38 -38.79 14.27 -14.19
N ALA B 39 -37.56 14.57 -13.79
CA ALA B 39 -36.47 14.80 -14.73
C ALA B 39 -35.21 14.10 -14.24
N THR B 40 -34.13 14.27 -14.99
CA THR B 40 -32.84 13.68 -14.66
C THR B 40 -31.76 14.74 -14.84
N LEU B 41 -30.71 14.66 -14.01
CA LEU B 41 -29.59 15.58 -14.14
C LEU B 41 -28.95 15.55 -15.52
N SER B 42 -28.95 14.38 -16.17
CA SER B 42 -28.27 14.25 -17.46
C SER B 42 -28.89 15.17 -18.51
N GLN B 43 -30.21 15.14 -18.64
CA GLN B 43 -30.89 15.98 -19.63
C GLN B 43 -31.05 17.43 -19.17
N ILE B 44 -31.06 17.68 -17.86
CA ILE B 44 -31.10 19.06 -17.40
C ILE B 44 -29.78 19.76 -17.70
N THR B 45 -28.66 19.08 -17.45
CA THR B 45 -27.34 19.61 -17.73
C THR B 45 -26.95 19.54 -19.20
N ASN B 46 -27.62 18.69 -19.98
CA ASN B 46 -27.17 18.34 -21.32
C ASN B 46 -26.88 19.58 -22.17
N ASN B 47 -27.71 20.61 -22.04
CA ASN B 47 -27.55 21.80 -22.86
C ASN B 47 -26.32 22.62 -22.48
N ILE B 48 -25.75 22.41 -21.29
CA ILE B 48 -24.62 23.25 -20.86
C ILE B 48 -23.38 22.88 -21.64
N ASP B 49 -22.47 23.82 -21.77
CA ASP B 49 -21.24 23.59 -22.52
C ASP B 49 -20.33 22.63 -21.75
N PRO B 50 -19.82 21.58 -22.38
CA PRO B 50 -18.90 20.68 -21.69
C PRO B 50 -17.65 21.41 -21.22
N VAL B 51 -17.16 21.01 -20.04
CA VAL B 51 -15.94 21.61 -19.50
C VAL B 51 -14.73 21.22 -20.34
N GLY B 52 -14.78 20.06 -20.98
CA GLY B 52 -13.67 19.60 -21.78
C GLY B 52 -12.53 19.07 -20.93
N ARG B 53 -11.36 18.99 -21.56
CA ARG B 53 -10.17 18.45 -20.92
C ARG B 53 -9.55 19.50 -20.01
N ILE B 54 -9.31 19.14 -18.76
CA ILE B 54 -8.68 20.00 -17.78
C ILE B 54 -7.36 19.36 -17.37
N GLN B 55 -6.27 20.09 -17.53
CA GLN B 55 -4.94 19.59 -17.20
C GLN B 55 -4.44 20.22 -15.92
N MET B 56 -4.11 19.38 -14.94
CA MET B 56 -3.56 19.83 -13.68
C MET B 56 -2.22 19.14 -13.47
N ARG B 57 -1.20 19.93 -13.13
CA ARG B 57 0.15 19.43 -12.98
C ARG B 57 0.61 19.60 -11.53
N THR B 58 1.45 18.67 -11.08
CA THR B 58 1.98 18.73 -9.72
C THR B 58 2.73 20.04 -9.52
N ARG B 59 2.18 20.91 -8.68
CA ARG B 59 2.88 22.16 -8.36
C ARG B 59 4.01 21.91 -7.38
N ARG B 60 3.72 21.26 -6.26
CA ARG B 60 4.72 20.92 -5.27
C ARG B 60 4.47 19.51 -4.75
N THR B 61 5.54 18.76 -4.55
CA THR B 61 5.48 17.46 -3.89
C THR B 61 6.03 17.63 -2.48
N LEU B 62 5.25 17.17 -1.49
CA LEU B 62 5.58 17.38 -0.08
C LEU B 62 6.13 16.08 0.48
N ARG B 63 7.45 16.00 0.62
CA ARG B 63 8.14 14.80 1.08
C ARG B 63 8.70 15.02 2.48
N GLY B 64 8.73 13.96 3.27
CA GLY B 64 9.20 14.06 4.64
C GLY B 64 8.49 13.13 5.61
N HIS B 65 7.43 12.48 5.15
CA HIS B 65 6.73 11.49 5.96
C HIS B 65 7.38 10.12 5.78
N LEU B 66 7.20 9.26 6.79
CA LEU B 66 7.83 7.95 6.78
C LEU B 66 6.91 6.86 6.22
N ALA B 67 5.77 6.65 6.84
CA ALA B 67 4.85 5.61 6.45
C ALA B 67 3.79 6.20 5.52
N LYS B 68 2.77 5.40 5.21
CA LYS B 68 1.71 5.86 4.32
C LYS B 68 0.91 6.97 4.99
N ILE B 69 0.58 7.99 4.21
CA ILE B 69 -0.24 9.09 4.68
C ILE B 69 -1.71 8.69 4.52
N TYR B 70 -2.46 8.76 5.62
CA TYR B 70 -3.84 8.28 5.62
C TYR B 70 -4.87 9.39 5.51
N ALA B 71 -4.60 10.58 6.04
CA ALA B 71 -5.58 11.66 6.02
C ALA B 71 -4.87 13.01 5.91
N MET B 72 -5.63 14.00 5.46
CA MET B 72 -5.13 15.36 5.33
C MET B 72 -6.30 16.32 5.45
N HIS B 73 -5.97 17.58 5.79
CA HIS B 73 -6.99 18.61 5.93
C HIS B 73 -6.35 19.97 5.76
N TRP B 74 -6.90 20.78 4.87
CA TRP B 74 -6.42 22.14 4.67
C TRP B 74 -6.84 23.05 5.82
N GLY B 75 -6.11 24.14 5.99
CA GLY B 75 -6.50 25.18 6.90
C GLY B 75 -7.49 26.13 6.27
N THR B 76 -7.96 27.08 7.07
CA THR B 76 -8.95 28.05 6.57
C THR B 76 -8.34 28.97 5.53
N ASP B 77 -7.08 29.37 5.73
CA ASP B 77 -6.43 30.36 4.88
C ASP B 77 -5.82 29.77 3.62
N SER B 78 -6.02 28.47 3.38
CA SER B 78 -5.51 27.79 2.18
C SER B 78 -3.99 27.84 2.12
N ARG B 79 -3.35 28.05 3.27
CA ARG B 79 -1.89 28.13 3.38
C ARG B 79 -1.30 26.87 4.00
N LEU B 80 -1.85 26.41 5.12
CA LEU B 80 -1.28 25.31 5.89
C LEU B 80 -2.19 24.09 5.81
N LEU B 81 -1.58 22.92 5.67
CA LEU B 81 -2.29 21.65 5.73
C LEU B 81 -1.60 20.74 6.72
N VAL B 82 -2.38 19.86 7.34
CA VAL B 82 -1.88 18.87 8.29
C VAL B 82 -1.96 17.49 7.64
N SER B 83 -0.90 16.71 7.79
CA SER B 83 -0.82 15.38 7.21
C SER B 83 -0.63 14.36 8.32
N ALA B 84 -1.42 13.29 8.28
CA ALA B 84 -1.35 12.22 9.25
C ALA B 84 -0.84 10.95 8.58
N SER B 85 0.19 10.35 9.15
CA SER B 85 0.77 9.13 8.61
C SER B 85 0.86 8.08 9.70
N GLN B 86 0.88 6.82 9.30
CA GLN B 86 0.95 5.72 10.25
C GLN B 86 2.32 5.58 10.88
N ASP B 87 3.29 6.42 10.50
CA ASP B 87 4.56 6.46 11.21
C ASP B 87 4.38 7.00 12.62
N GLY B 88 3.34 7.78 12.86
CA GLY B 88 3.10 8.35 14.17
C GLY B 88 3.37 9.85 14.19
N LYS B 89 3.26 10.49 13.03
CA LYS B 89 3.56 11.91 12.91
C LYS B 89 2.34 12.67 12.39
N LEU B 90 2.29 13.95 12.74
CA LEU B 90 1.22 14.86 12.36
C LEU B 90 1.83 16.13 11.75
N ILE B 91 2.74 15.93 10.78
CA ILE B 91 3.48 17.04 10.21
C ILE B 91 2.53 18.05 9.60
N ILE B 92 2.71 19.32 9.95
CA ILE B 92 1.89 20.42 9.43
C ILE B 92 2.73 21.15 8.39
N TRP B 93 2.20 21.24 7.18
CA TRP B 93 2.92 21.74 6.03
C TRP B 93 2.59 23.21 5.77
N ASP B 94 3.42 23.84 4.95
CA ASP B 94 3.16 25.18 4.41
C ASP B 94 3.21 25.04 2.90
N SER B 95 2.05 25.09 2.25
CA SER B 95 1.97 24.76 0.83
C SER B 95 2.75 25.73 -0.02
N TYR B 96 2.69 27.03 0.30
CA TYR B 96 3.31 28.03 -0.56
C TYR B 96 4.82 27.86 -0.61
N THR B 97 5.46 27.60 0.53
CA THR B 97 6.91 27.53 0.61
C THR B 97 7.41 26.14 1.03
N THR B 98 6.57 25.11 0.88
CA THR B 98 6.90 23.69 1.03
C THR B 98 7.84 23.36 2.19
N ASN B 99 7.66 24.03 3.33
CA ASN B 99 8.45 23.71 4.52
C ASN B 99 7.56 23.07 5.58
N LYS B 100 8.14 22.82 6.74
CA LYS B 100 7.42 22.30 7.89
C LYS B 100 7.10 23.44 8.84
N VAL B 101 5.91 23.40 9.44
CA VAL B 101 5.56 24.35 10.47
C VAL B 101 5.70 23.67 11.83
N HIS B 102 5.00 22.54 11.99
CA HIS B 102 5.10 21.75 13.20
C HIS B 102 5.19 20.28 12.82
N ALA B 103 5.83 19.50 13.70
CA ALA B 103 5.89 18.04 13.57
C ALA B 103 5.50 17.44 14.90
N ILE B 104 4.37 16.76 14.94
CA ILE B 104 3.76 16.30 16.19
C ILE B 104 3.92 14.79 16.28
N PRO B 105 4.60 14.27 17.30
CA PRO B 105 4.67 12.82 17.49
C PRO B 105 3.43 12.31 18.22
N LEU B 106 2.82 11.26 17.68
CA LEU B 106 1.57 10.74 18.18
C LEU B 106 1.81 9.66 19.23
N ARG B 107 0.98 9.65 20.27
CA ARG B 107 1.07 8.61 21.29
C ARG B 107 0.77 7.23 20.69
N SER B 108 -0.23 7.15 19.83
CA SER B 108 -0.57 5.93 19.13
C SER B 108 -0.05 6.03 17.70
N SER B 109 0.66 5.00 17.25
CA SER B 109 1.34 5.07 15.97
C SER B 109 0.38 5.11 14.78
N TRP B 110 -0.85 4.66 14.95
CA TRP B 110 -1.80 4.54 13.84
C TRP B 110 -2.85 5.63 13.94
N VAL B 111 -2.92 6.45 12.91
CA VAL B 111 -3.89 7.55 12.82
C VAL B 111 -4.65 7.41 11.51
N MET B 112 -5.98 7.45 11.59
CA MET B 112 -6.84 7.27 10.44
C MET B 112 -7.57 8.56 10.04
N THR B 113 -7.27 9.67 10.72
CA THR B 113 -7.98 10.92 10.46
C THR B 113 -7.24 12.07 11.10
N CYS B 114 -7.29 13.23 10.46
CA CYS B 114 -6.78 14.46 11.05
C CYS B 114 -7.67 15.61 10.63
N ALA B 115 -7.78 16.60 11.51
CA ALA B 115 -8.63 17.75 11.27
C ALA B 115 -7.87 19.02 11.64
N TYR B 116 -8.16 20.09 10.90
CA TYR B 116 -7.62 21.41 11.17
C TYR B 116 -8.75 22.31 11.62
N ALA B 117 -8.57 22.95 12.77
CA ALA B 117 -9.61 23.82 13.31
C ALA B 117 -9.78 25.04 12.41
N PRO B 118 -11.01 25.49 12.16
CA PRO B 118 -11.20 26.69 11.34
C PRO B 118 -10.51 27.92 11.92
N SER B 119 -10.41 28.02 13.24
CA SER B 119 -9.70 29.14 13.86
C SER B 119 -8.20 29.05 13.67
N GLY B 120 -7.68 27.91 13.21
CA GLY B 120 -6.25 27.75 13.03
C GLY B 120 -5.47 27.63 14.31
N ASN B 121 -6.12 27.25 15.41
CA ASN B 121 -5.46 27.14 16.70
C ASN B 121 -5.29 25.70 17.19
N TYR B 122 -6.12 24.78 16.72
CA TYR B 122 -6.08 23.40 17.21
C TYR B 122 -5.99 22.44 16.03
N VAL B 123 -5.47 21.25 16.30
CA VAL B 123 -5.39 20.17 15.32
C VAL B 123 -5.89 18.90 15.99
N ALA B 124 -6.27 17.93 15.17
CA ALA B 124 -6.88 16.70 15.65
C ALA B 124 -6.25 15.51 14.95
N CYS B 125 -6.34 14.35 15.60
CA CYS B 125 -5.93 13.09 15.00
C CYS B 125 -6.76 11.97 15.64
N GLY B 126 -6.39 10.73 15.36
CA GLY B 126 -7.10 9.58 15.88
C GLY B 126 -7.03 8.42 14.90
N GLY B 127 -7.26 7.22 15.42
CA GLY B 127 -7.12 6.03 14.60
C GLY B 127 -7.49 4.75 15.33
N LEU B 128 -6.66 3.72 15.19
CA LEU B 128 -6.91 2.43 15.84
C LEU B 128 -6.51 2.50 17.32
N ASP B 129 -7.00 3.54 17.97
CA ASP B 129 -6.83 3.72 19.41
C ASP B 129 -8.09 4.17 20.12
N ASN B 130 -9.15 4.53 19.39
CA ASN B 130 -10.45 4.89 19.95
C ASN B 130 -10.41 6.19 20.74
N ILE B 131 -9.38 7.00 20.57
CA ILE B 131 -9.24 8.27 21.26
C ILE B 131 -8.97 9.37 20.23
N CYS B 132 -9.64 10.49 20.37
CA CYS B 132 -9.38 11.67 19.54
C CYS B 132 -8.46 12.62 20.32
N SER B 133 -7.23 12.75 19.87
CA SER B 133 -6.24 13.59 20.53
C SER B 133 -6.27 14.98 19.93
N ILE B 134 -6.35 15.99 20.79
CA ILE B 134 -6.41 17.39 20.37
C ILE B 134 -5.10 18.05 20.76
N TYR B 135 -4.40 18.62 19.77
CA TYR B 135 -3.14 19.29 20.00
C TYR B 135 -3.31 20.77 19.74
N ASN B 136 -2.93 21.60 20.71
CA ASN B 136 -3.06 23.05 20.60
C ASN B 136 -1.71 23.61 20.16
N LEU B 137 -1.74 24.54 19.20
CA LEU B 137 -0.54 25.05 18.56
C LEU B 137 -0.26 26.51 18.90
N LYS B 138 -0.99 27.09 19.84
CA LYS B 138 -0.89 28.52 20.10
C LYS B 138 -0.41 28.86 21.51
N THR B 139 -1.05 28.30 22.54
CA THR B 139 -0.87 28.81 23.90
C THR B 139 0.53 28.56 24.45
N ARG B 140 1.29 27.64 23.88
CA ARG B 140 2.60 27.33 24.40
C ARG B 140 3.62 28.40 24.02
N GLU B 141 4.77 28.37 24.68
CA GLU B 141 5.92 29.19 24.33
C GLU B 141 6.66 28.65 23.10
N GLY B 142 6.03 27.73 22.37
CA GLY B 142 6.60 27.05 21.25
C GLY B 142 6.81 25.58 21.59
N ASN B 143 5.83 24.76 21.23
CA ASN B 143 5.81 23.33 21.51
C ASN B 143 4.50 22.80 20.94
N VAL B 144 4.34 21.48 21.01
CA VAL B 144 3.07 20.82 20.68
C VAL B 144 2.73 19.86 21.82
N ARG B 145 1.57 20.08 22.44
CA ARG B 145 1.14 19.28 23.58
C ARG B 145 -0.31 18.86 23.38
N VAL B 146 -0.65 17.70 23.94
CA VAL B 146 -2.01 17.17 23.85
C VAL B 146 -2.88 17.98 24.80
N SER B 147 -3.73 18.85 24.22
CA SER B 147 -4.61 19.68 25.05
C SER B 147 -5.70 18.85 25.70
N ARG B 148 -6.33 17.96 24.94
CA ARG B 148 -7.39 17.12 25.45
C ARG B 148 -7.45 15.82 24.65
N GLU B 149 -7.72 14.72 25.34
CA GLU B 149 -7.92 13.42 24.72
C GLU B 149 -9.35 12.98 24.95
N LEU B 150 -10.05 12.66 23.86
CA LEU B 150 -11.48 12.34 23.89
C LEU B 150 -11.63 10.84 23.75
N ALA B 151 -11.94 10.16 24.85
CA ALA B 151 -12.03 8.70 24.89
C ALA B 151 -13.43 8.29 25.31
N GLY B 152 -14.32 8.13 24.34
CA GLY B 152 -15.66 7.65 24.60
C GLY B 152 -16.18 6.75 23.49
N HIS B 153 -15.28 6.33 22.61
CA HIS B 153 -15.63 5.55 21.43
C HIS B 153 -15.20 4.11 21.64
N THR B 154 -16.03 3.17 21.21
CA THR B 154 -15.73 1.75 21.29
C THR B 154 -15.13 1.20 20.00
N GLY B 155 -14.85 2.05 19.02
CA GLY B 155 -14.25 1.62 17.77
C GLY B 155 -13.22 2.61 17.28
N TYR B 156 -12.54 2.22 16.21
CA TYR B 156 -11.50 3.06 15.64
C TYR B 156 -12.11 4.33 15.05
N LEU B 157 -11.43 5.45 15.27
CA LEU B 157 -11.86 6.71 14.69
C LEU B 157 -11.48 6.76 13.22
N SER B 158 -12.44 7.12 12.37
CA SER B 158 -12.23 7.17 10.93
C SER B 158 -12.22 8.58 10.36
N CYS B 159 -12.94 9.52 10.96
CA CYS B 159 -12.94 10.89 10.50
C CYS B 159 -13.40 11.79 11.64
N CYS B 160 -12.83 12.99 11.69
CA CYS B 160 -13.16 13.98 12.71
C CYS B 160 -13.10 15.36 12.09
N ARG B 161 -14.00 16.24 12.53
CA ARG B 161 -14.07 17.60 12.02
C ARG B 161 -14.49 18.55 13.14
N PHE B 162 -13.76 19.64 13.28
CA PHE B 162 -14.12 20.68 14.23
C PHE B 162 -15.36 21.41 13.75
N LEU B 163 -16.22 21.82 14.68
CA LEU B 163 -17.38 22.62 14.29
C LEU B 163 -17.00 24.09 14.14
N ASP B 164 -16.68 24.76 15.26
CA ASP B 164 -16.04 26.07 15.16
C ASP B 164 -14.69 26.11 15.87
N ASP B 165 -14.67 25.95 17.19
CA ASP B 165 -13.42 25.85 17.95
C ASP B 165 -13.46 24.87 19.11
N ASN B 166 -14.64 24.44 19.55
CA ASN B 166 -14.78 23.65 20.77
C ASN B 166 -15.61 22.40 20.58
N GLN B 167 -16.47 22.34 19.57
CA GLN B 167 -17.25 21.15 19.27
C GLN B 167 -16.60 20.42 18.10
N ILE B 168 -16.39 19.11 18.27
CA ILE B 168 -15.82 18.27 17.23
C ILE B 168 -16.67 17.03 17.08
N VAL B 169 -17.06 16.72 15.85
CA VAL B 169 -17.82 15.52 15.53
C VAL B 169 -16.86 14.47 15.02
N THR B 170 -16.96 13.26 15.55
CA THR B 170 -16.06 12.16 15.23
C THR B 170 -16.87 11.00 14.67
N SER B 171 -16.40 10.43 13.57
CA SER B 171 -16.97 9.21 13.02
C SER B 171 -16.06 8.05 13.39
N SER B 172 -16.64 6.98 13.92
CA SER B 172 -15.87 5.86 14.44
C SER B 172 -16.32 4.56 13.80
N GLY B 173 -15.52 3.52 14.00
CA GLY B 173 -15.92 2.18 13.62
C GLY B 173 -16.91 1.53 14.57
N ASP B 174 -17.27 2.22 15.65
CA ASP B 174 -18.25 1.76 16.62
C ASP B 174 -19.68 1.93 16.14
N THR B 175 -19.88 2.18 14.84
CA THR B 175 -21.18 2.26 14.20
C THR B 175 -21.93 3.52 14.62
N THR B 176 -21.32 4.35 15.47
CA THR B 176 -21.95 5.55 15.99
C THR B 176 -21.04 6.75 15.78
N CYS B 177 -21.63 7.86 15.37
CA CYS B 177 -20.95 9.15 15.42
C CYS B 177 -21.22 9.82 16.76
N ALA B 178 -20.50 10.91 17.02
CA ALA B 178 -20.64 11.57 18.30
C ALA B 178 -20.22 13.03 18.19
N LEU B 179 -20.88 13.88 18.99
CA LEU B 179 -20.48 15.27 19.14
C LEU B 179 -19.74 15.43 20.46
N TRP B 180 -18.54 16.00 20.38
CA TRP B 180 -17.65 16.11 21.54
C TRP B 180 -17.47 17.57 21.92
N ASP B 181 -17.56 17.83 23.22
CA ASP B 181 -17.23 19.14 23.79
C ASP B 181 -15.80 19.08 24.30
N ILE B 182 -14.90 19.80 23.62
CA ILE B 182 -13.47 19.70 23.92
C ILE B 182 -13.18 20.20 25.33
N GLU B 183 -13.74 21.35 25.71
CA GLU B 183 -13.44 21.94 27.00
C GLU B 183 -13.87 21.02 28.14
N THR B 184 -15.07 20.46 28.05
CA THR B 184 -15.55 19.55 29.09
C THR B 184 -15.03 18.13 28.90
N GLY B 185 -14.51 17.80 27.73
CA GLY B 185 -14.03 16.45 27.48
C GLY B 185 -15.10 15.39 27.60
N GLN B 186 -16.35 15.74 27.29
CA GLN B 186 -17.47 14.84 27.44
C GLN B 186 -18.24 14.74 26.12
N GLN B 187 -18.84 13.57 25.89
CA GLN B 187 -19.61 13.32 24.69
C GLN B 187 -21.01 13.89 24.88
N THR B 188 -21.25 15.07 24.30
CA THR B 188 -22.54 15.73 24.47
C THR B 188 -23.69 14.90 23.88
N THR B 189 -23.66 14.70 22.57
CA THR B 189 -24.70 13.94 21.87
C THR B 189 -24.05 12.82 21.06
N THR B 190 -24.78 11.71 20.95
CA THR B 190 -24.34 10.56 20.15
C THR B 190 -25.28 10.40 18.97
N PHE B 191 -24.75 9.88 17.87
CA PHE B 191 -25.50 9.72 16.62
C PHE B 191 -25.55 8.23 16.29
N THR B 192 -26.66 7.60 16.66
CA THR B 192 -26.84 6.16 16.52
C THR B 192 -27.89 5.86 15.47
N GLY B 193 -27.68 4.81 14.70
CA GLY B 193 -28.61 4.44 13.66
C GLY B 193 -27.95 3.82 12.44
N HIS B 194 -26.62 3.89 12.38
CA HIS B 194 -25.88 3.23 11.33
C HIS B 194 -25.83 1.72 11.58
N THR B 195 -25.32 0.99 10.59
CA THR B 195 -25.15 -0.45 10.70
C THR B 195 -23.71 -0.91 10.59
N GLY B 196 -22.94 -0.36 9.66
CA GLY B 196 -21.53 -0.68 9.56
C GLY B 196 -20.65 0.39 10.18
N ASP B 197 -19.35 0.26 9.99
CA ASP B 197 -18.41 1.24 10.54
C ASP B 197 -18.52 2.55 9.78
N VAL B 198 -18.64 3.65 10.51
CA VAL B 198 -18.73 4.97 9.91
C VAL B 198 -17.33 5.44 9.51
N MET B 199 -17.16 5.78 8.24
CA MET B 199 -15.86 6.18 7.71
C MET B 199 -15.69 7.69 7.58
N SER B 200 -16.58 8.36 6.86
CA SER B 200 -16.37 9.76 6.54
C SER B 200 -17.60 10.58 6.90
N LEU B 201 -17.35 11.77 7.42
CA LEU B 201 -18.40 12.76 7.68
C LEU B 201 -17.98 14.09 7.08
N SER B 202 -18.95 14.81 6.53
CA SER B 202 -18.72 16.11 5.93
C SER B 202 -19.65 17.14 6.56
N LEU B 203 -19.09 18.28 6.95
CA LEU B 203 -19.85 19.35 7.56
C LEU B 203 -20.37 20.30 6.49
N ALA B 204 -21.66 20.61 6.55
CA ALA B 204 -22.24 21.58 5.64
C ALA B 204 -21.68 22.97 5.95
N PRO B 205 -21.54 23.83 4.94
CA PRO B 205 -21.09 25.21 5.22
C PRO B 205 -22.09 25.92 6.11
N ASP B 206 -21.57 26.81 6.95
CA ASP B 206 -22.36 27.45 8.01
C ASP B 206 -23.00 26.38 8.89
N THR B 207 -22.13 25.69 9.63
CA THR B 207 -22.42 24.40 10.22
C THR B 207 -23.75 24.31 10.95
N ARG B 208 -24.63 23.46 10.44
CA ARG B 208 -25.93 23.20 11.05
C ARG B 208 -26.31 21.73 11.03
N LEU B 209 -25.73 20.93 10.13
CA LEU B 209 -26.08 19.53 9.95
C LEU B 209 -25.00 18.89 9.10
N PHE B 210 -24.74 17.60 9.35
CA PHE B 210 -23.63 16.93 8.70
C PHE B 210 -24.07 15.56 8.22
N VAL B 211 -23.35 15.07 7.22
CA VAL B 211 -23.62 13.75 6.64
C VAL B 211 -22.60 12.77 7.17
N SER B 212 -22.87 11.48 6.95
CA SER B 212 -21.98 10.43 7.45
C SER B 212 -22.25 9.16 6.64
N GLY B 213 -21.23 8.70 5.92
CA GLY B 213 -21.33 7.47 5.15
C GLY B 213 -20.56 6.35 5.81
N ALA B 214 -21.21 5.20 5.94
CA ALA B 214 -20.65 4.06 6.65
C ALA B 214 -20.54 2.87 5.71
N CYS B 215 -20.16 1.73 6.26
CA CYS B 215 -19.98 0.49 5.54
C CYS B 215 -21.28 -0.18 5.16
N ASP B 216 -22.43 0.32 5.63
CA ASP B 216 -23.72 -0.25 5.30
C ASP B 216 -24.27 0.28 3.98
N ALA B 217 -23.43 0.85 3.13
CA ALA B 217 -23.84 1.39 1.83
C ALA B 217 -24.95 2.42 1.98
N SER B 218 -24.88 3.25 3.02
CA SER B 218 -25.91 4.25 3.26
C SER B 218 -25.27 5.47 3.91
N ALA B 219 -25.69 6.65 3.48
CA ALA B 219 -25.23 7.91 4.05
C ALA B 219 -26.39 8.58 4.76
N LYS B 220 -26.18 8.94 6.01
CA LYS B 220 -27.23 9.54 6.84
C LYS B 220 -26.91 11.00 7.12
N LEU B 221 -27.95 11.82 7.08
CA LEU B 221 -27.85 13.24 7.35
C LEU B 221 -28.30 13.49 8.79
N TRP B 222 -27.40 14.00 9.61
CA TRP B 222 -27.65 14.19 11.03
C TRP B 222 -27.78 15.66 11.35
N ASP B 223 -28.65 15.96 12.31
CA ASP B 223 -28.83 17.31 12.82
C ASP B 223 -28.02 17.43 14.10
N VAL B 224 -27.14 18.44 14.15
CA VAL B 224 -26.22 18.58 15.28
C VAL B 224 -26.99 18.84 16.57
N ARG B 225 -27.99 19.72 16.52
CA ARG B 225 -28.74 20.06 17.73
C ARG B 225 -29.74 18.97 18.09
N GLU B 226 -30.56 18.57 17.13
CA GLU B 226 -31.60 17.56 17.42
C GLU B 226 -30.98 16.22 17.77
N GLY B 227 -29.94 15.81 17.05
CA GLY B 227 -29.30 14.53 17.29
C GLY B 227 -29.92 13.35 16.56
N MET B 228 -30.99 13.57 15.81
CA MET B 228 -31.66 12.50 15.09
C MET B 228 -31.47 12.69 13.59
N CYS B 229 -31.13 11.61 12.89
CA CYS B 229 -30.90 11.69 11.45
C CYS B 229 -32.19 12.05 10.74
N ARG B 230 -32.08 12.94 9.76
CA ARG B 230 -33.23 13.42 9.00
C ARG B 230 -33.58 12.51 7.84
N GLN B 231 -32.62 12.27 6.94
CA GLN B 231 -32.84 11.44 5.77
C GLN B 231 -31.70 10.43 5.64
N THR B 232 -32.02 9.30 5.02
CA THR B 232 -31.06 8.25 4.74
C THR B 232 -31.01 8.02 3.23
N PHE B 233 -29.80 7.99 2.69
CA PHE B 233 -29.59 7.86 1.25
C PHE B 233 -28.91 6.52 0.99
N THR B 234 -29.69 5.55 0.50
CA THR B 234 -29.20 4.20 0.24
C THR B 234 -29.25 3.95 -1.27
N GLY B 235 -28.15 4.23 -1.94
CA GLY B 235 -28.07 4.01 -3.37
C GLY B 235 -26.80 3.29 -3.79
N HIS B 236 -25.86 3.17 -2.86
CA HIS B 236 -24.56 2.57 -3.18
C HIS B 236 -24.61 1.05 -3.04
N GLU B 237 -23.83 0.38 -3.89
CA GLU B 237 -23.76 -1.07 -3.86
C GLU B 237 -22.88 -1.57 -2.72
N SER B 238 -21.84 -0.83 -2.36
CA SER B 238 -20.88 -1.30 -1.38
C SER B 238 -20.54 -0.23 -0.35
N ASP B 239 -19.49 -0.47 0.44
CA ASP B 239 -19.14 0.42 1.53
C ASP B 239 -18.77 1.80 1.01
N ILE B 240 -19.15 2.83 1.77
CA ILE B 240 -18.84 4.21 1.44
C ILE B 240 -17.58 4.60 2.18
N ASN B 241 -16.55 4.98 1.42
CA ASN B 241 -15.25 5.32 2.00
C ASN B 241 -15.03 6.82 2.12
N ALA B 242 -15.87 7.65 1.49
CA ALA B 242 -15.71 9.09 1.57
C ALA B 242 -17.02 9.77 1.24
N ILE B 243 -17.12 11.04 1.65
CA ILE B 243 -18.32 11.82 1.42
C ILE B 243 -17.95 13.28 1.60
N CYS B 244 -18.49 14.14 0.75
CA CYS B 244 -18.16 15.57 0.81
C CYS B 244 -19.40 16.38 0.46
N PHE B 245 -19.57 17.52 1.12
CA PHE B 245 -20.72 18.37 0.89
C PHE B 245 -20.52 19.27 -0.32
N PHE B 246 -21.56 19.36 -1.14
CA PHE B 246 -21.57 20.33 -2.22
C PHE B 246 -21.59 21.74 -1.63
N PRO B 247 -20.90 22.70 -2.25
CA PRO B 247 -20.77 24.02 -1.62
C PRO B 247 -22.09 24.71 -1.31
N ASN B 248 -23.14 24.47 -2.09
CA ASN B 248 -24.43 25.08 -1.82
C ASN B 248 -24.99 24.61 -0.48
N GLY B 249 -24.83 23.33 -0.17
CA GLY B 249 -25.36 22.75 1.05
C GLY B 249 -26.63 21.94 0.87
N ASN B 250 -27.17 21.86 -0.35
CA ASN B 250 -28.37 21.07 -0.62
C ASN B 250 -28.03 19.80 -1.38
N ALA B 251 -26.75 19.42 -1.41
CA ALA B 251 -26.31 18.25 -2.14
C ALA B 251 -24.98 17.80 -1.53
N PHE B 252 -24.61 16.56 -1.85
CA PHE B 252 -23.34 16.01 -1.42
C PHE B 252 -23.01 14.80 -2.30
N ALA B 253 -21.72 14.52 -2.43
CA ALA B 253 -21.23 13.41 -3.22
C ALA B 253 -20.56 12.38 -2.33
N THR B 254 -20.79 11.11 -2.63
CA THR B 254 -20.33 10.00 -1.82
C THR B 254 -19.48 9.06 -2.65
N GLY B 255 -18.27 8.77 -2.18
CA GLY B 255 -17.48 7.71 -2.77
C GLY B 255 -17.86 6.36 -2.21
N SER B 256 -17.39 5.31 -2.88
CA SER B 256 -17.70 3.96 -2.44
C SER B 256 -16.70 2.98 -3.02
N ASP B 257 -16.68 1.78 -2.44
CA ASP B 257 -15.88 0.68 -2.96
C ASP B 257 -16.51 0.05 -4.19
N ASP B 258 -17.71 0.47 -4.57
CA ASP B 258 -18.39 0.00 -5.77
C ASP B 258 -17.87 0.69 -7.04
N ALA B 259 -16.70 1.31 -6.97
CA ALA B 259 -16.10 2.02 -8.11
C ALA B 259 -17.05 3.10 -8.64
N THR B 260 -17.69 3.83 -7.71
CA THR B 260 -18.71 4.78 -8.08
C THR B 260 -18.67 5.99 -7.15
N CYS B 261 -19.03 7.14 -7.70
CA CYS B 261 -19.31 8.35 -6.92
C CYS B 261 -20.70 8.83 -7.31
N ARG B 262 -21.54 9.07 -6.32
CA ARG B 262 -22.94 9.41 -6.56
C ARG B 262 -23.28 10.72 -5.85
N LEU B 263 -23.91 11.65 -6.57
CA LEU B 263 -24.28 12.94 -6.04
C LEU B 263 -25.70 12.86 -5.51
N PHE B 264 -25.86 13.10 -4.21
CA PHE B 264 -27.16 13.00 -3.55
C PHE B 264 -27.67 14.37 -3.16
N ASP B 265 -28.90 14.67 -3.54
CA ASP B 265 -29.52 15.94 -3.21
C ASP B 265 -30.21 15.81 -1.86
N LEU B 266 -30.23 16.92 -1.12
CA LEU B 266 -30.85 16.93 0.20
C LEU B 266 -32.37 17.11 0.13
N ARG B 267 -32.86 17.87 -0.85
CA ARG B 267 -34.27 18.24 -0.91
C ARG B 267 -35.11 17.27 -1.73
N ALA B 268 -34.50 16.33 -2.44
CA ALA B 268 -35.24 15.28 -3.13
C ALA B 268 -34.96 13.88 -2.62
N ASP B 269 -33.97 13.70 -1.74
CA ASP B 269 -33.68 12.40 -1.14
C ASP B 269 -33.43 11.34 -2.21
N GLN B 270 -32.66 11.72 -3.24
CA GLN B 270 -32.44 10.87 -4.40
C GLN B 270 -31.02 11.02 -4.89
N GLU B 271 -30.55 10.01 -5.60
CA GLU B 271 -29.28 10.09 -6.30
C GLU B 271 -29.46 10.80 -7.63
N LEU B 272 -28.73 11.89 -7.81
CA LEU B 272 -28.91 12.73 -8.99
C LEU B 272 -28.09 12.29 -10.19
N MET B 273 -26.91 11.72 -9.97
CA MET B 273 -26.08 11.29 -11.09
C MET B 273 -25.06 10.26 -10.59
N THR B 274 -24.79 9.29 -11.45
CA THR B 274 -23.84 8.22 -11.17
C THR B 274 -22.56 8.43 -11.97
N TYR B 275 -21.43 8.48 -11.28
CA TYR B 275 -20.13 8.78 -11.87
C TYR B 275 -19.32 7.47 -11.86
N SER B 276 -19.39 6.74 -12.96
CA SER B 276 -18.63 5.49 -13.07
C SER B 276 -18.27 5.25 -14.52
N HIS B 277 -17.23 4.43 -14.73
CA HIS B 277 -16.81 4.03 -16.06
C HIS B 277 -16.51 2.54 -16.05
N ASP B 278 -16.74 1.89 -17.20
CA ASP B 278 -16.53 0.46 -17.31
C ASP B 278 -15.07 0.06 -17.18
N ASN B 279 -14.13 0.98 -17.37
CA ASN B 279 -12.71 0.69 -17.26
C ASN B 279 -12.19 0.83 -15.84
N ILE B 280 -13.06 1.09 -14.87
CA ILE B 280 -12.68 1.26 -13.48
C ILE B 280 -13.25 0.10 -12.67
N ILE B 281 -12.38 -0.65 -12.00
CA ILE B 281 -12.79 -1.70 -11.10
C ILE B 281 -12.51 -1.33 -9.64
N CYS B 282 -11.49 -0.54 -9.37
CA CYS B 282 -11.06 -0.23 -8.01
C CYS B 282 -12.08 0.67 -7.31
N GLY B 283 -11.98 0.70 -5.99
CA GLY B 283 -12.85 1.52 -5.17
C GLY B 283 -12.40 2.97 -5.10
N ILE B 284 -13.13 3.73 -4.29
CA ILE B 284 -12.89 5.16 -4.08
C ILE B 284 -12.36 5.34 -2.66
N THR B 285 -11.36 6.21 -2.51
CA THR B 285 -10.82 6.52 -1.20
C THR B 285 -11.28 7.86 -0.66
N SER B 286 -11.20 8.93 -1.45
CA SER B 286 -11.63 10.24 -0.97
C SER B 286 -12.22 11.03 -2.12
N VAL B 287 -13.21 11.86 -1.81
CA VAL B 287 -13.86 12.73 -2.78
C VAL B 287 -13.95 14.13 -2.22
N SER B 288 -13.97 15.12 -3.12
CA SER B 288 -14.10 16.51 -2.71
C SER B 288 -14.51 17.34 -3.91
N PHE B 289 -15.33 18.35 -3.66
CA PHE B 289 -15.79 19.26 -4.70
C PHE B 289 -14.79 20.39 -4.92
N SER B 290 -14.96 21.10 -6.03
CA SER B 290 -14.18 22.29 -6.31
C SER B 290 -14.88 23.51 -5.69
N LYS B 291 -14.35 24.70 -5.96
CA LYS B 291 -14.91 25.91 -5.37
C LYS B 291 -16.34 26.15 -5.87
N SER B 292 -16.56 26.02 -7.17
CA SER B 292 -17.87 26.24 -7.75
C SER B 292 -18.71 24.97 -7.83
N GLY B 293 -18.16 23.84 -7.43
CA GLY B 293 -18.89 22.60 -7.53
C GLY B 293 -18.98 22.02 -8.92
N ARG B 294 -18.22 22.56 -9.88
CA ARG B 294 -18.27 22.04 -11.24
C ARG B 294 -17.50 20.73 -11.36
N LEU B 295 -16.38 20.60 -10.66
CA LEU B 295 -15.53 19.43 -10.74
C LEU B 295 -15.60 18.67 -9.43
N LEU B 296 -15.87 17.36 -9.52
CA LEU B 296 -15.80 16.47 -8.37
C LEU B 296 -14.53 15.63 -8.49
N LEU B 297 -13.58 15.90 -7.60
CA LEU B 297 -12.30 15.19 -7.60
C LEU B 297 -12.43 13.94 -6.75
N ALA B 298 -11.95 12.81 -7.28
CA ALA B 298 -12.09 11.53 -6.62
C ALA B 298 -10.78 10.75 -6.72
N GLY B 299 -10.26 10.32 -5.58
CA GLY B 299 -9.08 9.47 -5.53
C GLY B 299 -9.48 8.01 -5.52
N TYR B 300 -8.83 7.23 -6.37
CA TYR B 300 -9.22 5.85 -6.62
C TYR B 300 -8.16 4.91 -6.06
N ASP B 301 -8.42 3.62 -6.19
CA ASP B 301 -7.38 2.62 -5.97
C ASP B 301 -6.68 2.22 -7.26
N ASP B 302 -7.04 2.86 -8.39
CA ASP B 302 -6.32 2.71 -9.65
C ASP B 302 -5.18 3.70 -9.68
N PHE B 303 -4.52 3.89 -8.53
CA PHE B 303 -3.28 4.63 -8.36
C PHE B 303 -3.35 6.10 -8.71
N ASN B 304 -4.48 6.57 -9.24
CA ASN B 304 -4.64 7.93 -9.73
C ASN B 304 -5.79 8.60 -8.99
N CYS B 305 -6.10 9.82 -9.42
CA CYS B 305 -7.20 10.62 -8.86
C CYS B 305 -8.01 11.21 -10.01
N ASN B 306 -9.01 10.45 -10.49
CA ASN B 306 -9.81 10.91 -11.61
C ASN B 306 -10.64 12.14 -11.24
N VAL B 307 -10.75 13.07 -12.19
CA VAL B 307 -11.52 14.29 -12.01
C VAL B 307 -12.81 14.17 -12.81
N TRP B 308 -13.95 14.30 -12.13
CA TRP B 308 -15.25 14.12 -12.74
C TRP B 308 -16.01 15.44 -12.78
N ASP B 309 -16.61 15.74 -13.93
CA ASP B 309 -17.47 16.90 -14.03
C ASP B 309 -18.77 16.63 -13.28
N ALA B 310 -19.12 17.53 -12.36
CA ALA B 310 -20.21 17.25 -11.43
C ALA B 310 -21.59 17.34 -12.06
N LEU B 311 -21.71 17.79 -13.30
CA LEU B 311 -23.03 17.91 -13.90
C LEU B 311 -23.19 17.02 -15.12
N LYS B 312 -22.11 16.85 -15.89
CA LYS B 312 -22.17 16.06 -17.12
C LYS B 312 -21.79 14.59 -16.91
N ALA B 313 -21.30 14.23 -15.73
CA ALA B 313 -20.85 12.87 -15.44
C ALA B 313 -19.81 12.38 -16.47
N ASP B 314 -18.87 13.26 -16.82
CA ASP B 314 -17.84 12.96 -17.79
C ASP B 314 -16.47 13.15 -17.16
N ARG B 315 -15.49 12.45 -17.73
CA ARG B 315 -14.11 12.50 -17.24
C ARG B 315 -13.52 13.86 -17.56
N ALA B 316 -13.48 14.74 -16.56
CA ALA B 316 -12.93 16.07 -16.77
C ALA B 316 -11.42 16.05 -17.02
N GLY B 317 -10.75 14.97 -16.62
CA GLY B 317 -9.33 14.82 -16.89
C GLY B 317 -8.70 13.82 -15.95
N VAL B 318 -7.84 12.99 -16.53
CA VAL B 318 -7.12 11.96 -15.78
C VAL B 318 -5.95 12.62 -15.06
N LEU B 319 -5.87 12.41 -13.76
CA LEU B 319 -4.87 13.06 -12.92
C LEU B 319 -3.93 11.97 -12.40
N ALA B 320 -2.73 11.90 -12.98
CA ALA B 320 -1.76 10.87 -12.63
C ALA B 320 -1.09 11.22 -11.31
N GLY B 321 -0.02 10.51 -10.96
CA GLY B 321 0.67 10.82 -9.73
C GLY B 321 1.34 9.67 -9.01
N HIS B 322 0.94 9.46 -7.76
CA HIS B 322 1.71 8.65 -6.82
C HIS B 322 1.84 7.20 -7.29
N ASP B 323 2.92 6.56 -6.83
CA ASP B 323 3.19 5.16 -7.10
C ASP B 323 2.47 4.23 -6.15
N ASN B 324 1.79 4.75 -5.14
CA ASN B 324 1.00 3.96 -4.21
C ASN B 324 -0.42 4.50 -4.18
N ARG B 325 -1.30 3.82 -3.45
CA ARG B 325 -2.72 4.18 -3.44
C ARG B 325 -2.93 5.53 -2.77
N VAL B 326 -3.79 6.36 -3.36
CA VAL B 326 -4.18 7.62 -2.75
C VAL B 326 -5.29 7.35 -1.73
N SER B 327 -5.22 8.06 -0.60
CA SER B 327 -6.17 7.82 0.48
C SER B 327 -6.91 9.10 0.87
N CYS B 328 -6.23 10.24 0.76
CA CYS B 328 -6.81 11.52 1.15
C CYS B 328 -6.72 12.51 -0.01
N LEU B 329 -7.72 13.37 -0.10
CA LEU B 329 -7.84 14.34 -1.18
C LEU B 329 -8.64 15.53 -0.69
N GLY B 330 -8.06 16.72 -0.80
CA GLY B 330 -8.69 17.91 -0.26
C GLY B 330 -8.48 19.11 -1.16
N VAL B 331 -9.44 20.04 -1.09
CA VAL B 331 -9.42 21.26 -1.86
C VAL B 331 -9.46 22.44 -0.89
N THR B 332 -8.69 23.48 -1.21
CA THR B 332 -8.63 24.65 -0.35
C THR B 332 -9.96 25.39 -0.37
N ASP B 333 -10.20 26.16 0.69
CA ASP B 333 -11.45 26.94 0.78
C ASP B 333 -11.56 27.95 -0.35
N ASP B 334 -10.45 28.57 -0.74
CA ASP B 334 -10.44 29.50 -1.85
C ASP B 334 -10.36 28.80 -3.21
N GLY B 335 -10.15 27.49 -3.19
CA GLY B 335 -10.18 26.71 -4.42
C GLY B 335 -8.98 26.89 -5.28
N MET B 336 -7.86 27.36 -4.74
CA MET B 336 -6.74 27.64 -5.66
C MET B 336 -6.09 26.32 -6.04
N ALA B 337 -5.91 25.45 -5.08
CA ALA B 337 -5.18 24.24 -5.44
C ALA B 337 -5.88 23.03 -4.84
N VAL B 338 -5.46 21.86 -5.30
CA VAL B 338 -5.97 20.58 -4.83
C VAL B 338 -4.79 19.76 -4.34
N ALA B 339 -4.87 19.31 -3.10
CA ALA B 339 -3.80 18.55 -2.46
C ALA B 339 -4.25 17.12 -2.25
N THR B 340 -3.45 16.16 -2.70
CA THR B 340 -3.75 14.75 -2.58
C THR B 340 -2.62 14.04 -1.88
N GLY B 341 -2.97 13.11 -0.99
CA GLY B 341 -1.98 12.33 -0.28
C GLY B 341 -2.20 10.85 -0.47
N SER B 342 -1.12 10.09 -0.62
CA SER B 342 -1.22 8.69 -0.97
C SER B 342 -0.49 7.83 0.07
N TRP B 343 -0.42 6.54 -0.21
CA TRP B 343 0.31 5.61 0.63
C TRP B 343 1.80 5.58 0.32
N ASP B 344 2.25 6.40 -0.64
CA ASP B 344 3.66 6.53 -0.97
C ASP B 344 4.37 7.55 -0.09
N SER B 345 3.74 7.99 0.99
CA SER B 345 4.32 8.95 1.93
C SER B 345 4.61 10.30 1.25
N PHE B 346 3.81 10.63 0.24
CA PHE B 346 4.01 11.84 -0.53
C PHE B 346 2.70 12.61 -0.64
N LEU B 347 2.78 13.92 -0.48
CA LEU B 347 1.67 14.83 -0.74
C LEU B 347 2.00 15.64 -1.99
N LYS B 348 1.06 15.68 -2.93
CA LYS B 348 1.25 16.40 -4.18
C LYS B 348 0.21 17.51 -4.29
N ILE B 349 0.66 18.68 -4.71
CA ILE B 349 -0.18 19.86 -4.88
C ILE B 349 -0.39 20.09 -6.38
N TRP B 350 -1.64 20.25 -6.79
CA TRP B 350 -1.95 20.49 -8.20
C TRP B 350 -2.84 21.72 -8.34
N ASN B 351 -2.76 22.34 -9.52
CA ASN B 351 -3.53 23.54 -9.84
C ASN B 351 -4.18 23.42 -11.21
N ASN C 5 -33.22 -11.77 21.70
CA ASN C 5 -34.42 -11.45 20.95
C ASN C 5 -34.95 -10.06 21.31
N THR C 6 -34.82 -9.70 22.60
CA THR C 6 -35.27 -8.39 23.04
C THR C 6 -34.47 -7.27 22.37
N ALA C 7 -33.16 -7.46 22.25
CA ALA C 7 -32.34 -6.46 21.56
C ALA C 7 -32.74 -6.34 20.10
N SER C 8 -33.01 -7.47 19.45
CA SER C 8 -33.40 -7.45 18.04
C SER C 8 -34.72 -6.71 17.83
N ILE C 9 -35.72 -7.00 18.69
CA ILE C 9 -37.01 -6.34 18.53
C ILE C 9 -36.92 -4.86 18.87
N ALA C 10 -36.10 -4.51 19.87
CA ALA C 10 -35.91 -3.09 20.19
C ALA C 10 -35.25 -2.36 19.02
N GLN C 11 -34.22 -2.97 18.41
CA GLN C 11 -33.57 -2.35 17.26
C GLN C 11 -34.53 -2.20 16.09
N ALA C 12 -35.36 -3.23 15.86
CA ALA C 12 -36.34 -3.14 14.78
C ALA C 12 -37.36 -2.04 15.04
N ARG C 13 -37.79 -1.89 16.30
CA ARG C 13 -38.73 -0.82 16.65
C ARG C 13 -38.09 0.54 16.41
N LYS C 14 -36.82 0.71 16.81
CA LYS C 14 -36.13 1.97 16.57
C LYS C 14 -36.02 2.25 15.07
N LEU C 15 -35.70 1.22 14.28
CA LEU C 15 -35.63 1.39 12.84
C LEU C 15 -36.99 1.79 12.27
N VAL C 16 -38.07 1.21 12.77
CA VAL C 16 -39.41 1.54 12.29
C VAL C 16 -39.73 3.00 12.61
N GLU C 17 -39.41 3.45 13.83
CA GLU C 17 -39.66 4.85 14.17
C GLU C 17 -38.84 5.79 13.30
N GLN C 18 -37.58 5.44 13.03
CA GLN C 18 -36.74 6.28 12.17
C GLN C 18 -37.30 6.34 10.76
N LEU C 19 -37.74 5.20 10.23
CA LEU C 19 -38.32 5.17 8.88
C LEU C 19 -39.61 5.98 8.83
N LYS C 20 -40.44 5.89 9.87
CA LYS C 20 -41.65 6.68 9.92
C LYS C 20 -41.35 8.17 9.95
N MET C 21 -40.33 8.56 10.72
CA MET C 21 -39.91 9.96 10.75
C MET C 21 -39.42 10.41 9.38
N GLU C 22 -38.66 9.56 8.69
CA GLU C 22 -38.16 9.90 7.36
C GLU C 22 -39.25 9.87 6.30
N ALA C 23 -40.38 9.21 6.57
CA ALA C 23 -41.44 9.11 5.58
C ALA C 23 -42.10 10.46 5.34
N ASN C 24 -42.46 11.17 6.41
CA ASN C 24 -43.18 12.45 6.30
C ASN C 24 -42.15 13.57 6.21
N ILE C 25 -41.66 13.84 5.01
CA ILE C 25 -40.70 14.90 4.77
C ILE C 25 -41.09 15.61 3.48
N ASP C 26 -41.01 16.94 3.50
CA ASP C 26 -41.29 17.72 2.31
C ASP C 26 -40.21 17.50 1.26
N ARG C 27 -40.63 17.22 0.03
CA ARG C 27 -39.72 16.90 -1.06
C ARG C 27 -39.91 17.89 -2.20
N ILE C 28 -38.80 18.38 -2.73
CA ILE C 28 -38.82 19.27 -3.88
C ILE C 28 -38.62 18.42 -5.13
N LYS C 29 -39.11 18.93 -6.26
CA LYS C 29 -38.96 18.23 -7.52
C LYS C 29 -37.49 18.11 -7.89
N VAL C 30 -37.10 16.95 -8.42
CA VAL C 30 -35.71 16.73 -8.78
C VAL C 30 -35.26 17.69 -9.86
N SER C 31 -36.17 18.09 -10.75
CA SER C 31 -35.82 19.07 -11.78
C SER C 31 -35.48 20.41 -11.15
N LYS C 32 -36.24 20.83 -10.14
CA LYS C 32 -35.95 22.09 -9.46
C LYS C 32 -34.60 22.05 -8.75
N ALA C 33 -34.29 20.91 -8.11
CA ALA C 33 -33.01 20.79 -7.44
C ALA C 33 -31.86 20.80 -8.43
N ALA C 34 -32.03 20.12 -9.58
CA ALA C 34 -31.03 20.17 -10.62
C ALA C 34 -30.84 21.59 -11.14
N ALA C 35 -31.93 22.33 -11.33
CA ALA C 35 -31.83 23.70 -11.78
C ALA C 35 -31.08 24.56 -10.76
N ASP C 36 -31.38 24.38 -9.48
CA ASP C 36 -30.68 25.15 -8.44
C ASP C 36 -29.20 24.81 -8.41
N LEU C 37 -28.86 23.53 -8.52
CA LEU C 37 -27.46 23.12 -8.50
C LEU C 37 -26.70 23.73 -9.69
N MET C 38 -27.27 23.61 -10.88
CA MET C 38 -26.62 24.15 -12.06
C MET C 38 -26.57 25.67 -12.01
N ALA C 39 -27.57 26.32 -11.43
CA ALA C 39 -27.56 27.77 -11.30
C ALA C 39 -26.44 28.22 -10.38
N TYR C 40 -26.27 27.55 -9.24
CA TYR C 40 -25.17 27.90 -8.34
C TYR C 40 -23.83 27.65 -9.01
N CYS C 41 -23.69 26.52 -9.71
CA CYS C 41 -22.42 26.22 -10.38
C CYS C 41 -22.09 27.27 -11.43
N GLU C 42 -23.08 27.69 -12.22
CA GLU C 42 -22.85 28.69 -13.25
C GLU C 42 -22.55 30.06 -12.64
N ALA C 43 -23.27 30.42 -11.57
CA ALA C 43 -23.08 31.73 -10.96
C ALA C 43 -21.70 31.86 -10.34
N HIS C 44 -21.23 30.81 -9.66
CA HIS C 44 -19.93 30.85 -9.00
C HIS C 44 -18.82 30.25 -9.86
N ALA C 45 -19.09 29.99 -11.14
CA ALA C 45 -18.07 29.42 -12.02
C ALA C 45 -16.92 30.39 -12.25
N LYS C 46 -17.21 31.70 -12.28
CA LYS C 46 -16.17 32.69 -12.54
C LYS C 46 -15.13 32.71 -11.43
N GLU C 47 -15.57 32.53 -10.18
CA GLU C 47 -14.67 32.63 -9.04
C GLU C 47 -13.87 31.36 -8.77
N ASP C 48 -14.22 30.25 -9.40
CA ASP C 48 -13.51 28.99 -9.14
C ASP C 48 -12.15 29.00 -9.82
N PRO C 49 -11.05 28.94 -9.07
CA PRO C 49 -9.73 28.92 -9.72
C PRO C 49 -9.29 27.52 -10.10
N LEU C 50 -10.21 26.74 -10.65
CA LEU C 50 -9.89 25.44 -11.24
C LEU C 50 -10.56 25.19 -12.57
N LEU C 51 -11.68 25.83 -12.88
CA LEU C 51 -12.30 25.69 -14.19
C LEU C 51 -11.47 26.35 -15.26
N THR C 52 -10.98 27.55 -14.99
CA THR C 52 -10.14 28.32 -15.90
C THR C 52 -8.72 28.39 -15.35
N PRO C 53 -7.70 28.14 -16.16
CA PRO C 53 -6.32 28.23 -15.66
C PRO C 53 -6.02 29.61 -15.11
N VAL C 54 -5.57 29.64 -13.86
CA VAL C 54 -5.26 30.90 -13.18
C VAL C 54 -4.04 31.54 -13.83
N PRO C 55 -4.02 32.86 -14.01
CA PRO C 55 -2.78 33.52 -14.47
C PRO C 55 -1.65 33.28 -13.49
N ALA C 56 -0.44 33.17 -14.02
CA ALA C 56 0.71 32.81 -13.19
C ALA C 56 0.97 33.83 -12.09
N SER C 57 0.63 35.10 -12.33
CA SER C 57 0.83 36.12 -11.30
C SER C 57 -0.06 35.88 -10.09
N GLU C 58 -1.33 35.57 -10.31
CA GLU C 58 -2.25 35.37 -9.19
C GLU C 58 -2.04 34.01 -8.53
N ASN C 59 -1.56 33.02 -9.27
CA ASN C 59 -1.36 31.69 -8.70
C ASN C 59 -0.20 31.73 -7.71
N PRO C 60 -0.41 31.33 -6.45
CA PRO C 60 0.66 31.41 -5.47
C PRO C 60 1.53 30.16 -5.44
N PHE C 61 1.09 29.11 -6.13
CA PHE C 61 1.79 27.83 -6.12
C PHE C 61 2.77 27.69 -7.27
N ARG C 62 2.89 28.69 -8.14
CA ARG C 62 3.81 28.62 -9.27
C ARG C 62 5.04 29.48 -9.02
N GLN D 1 -31.33 0.16 -1.88
CA GLN D 1 -30.75 -0.61 -0.81
C GLN D 1 -29.99 -1.82 -1.34
N VAL D 2 -29.60 -2.72 -0.44
CA VAL D 2 -28.85 -3.92 -0.81
C VAL D 2 -29.63 -5.15 -0.35
N GLN D 3 -30.95 -5.06 -0.38
CA GLN D 3 -31.80 -6.11 0.19
C GLN D 3 -31.50 -7.47 -0.42
N LEU D 4 -31.40 -8.48 0.45
CA LEU D 4 -31.14 -9.86 0.08
C LEU D 4 -32.17 -10.74 0.78
N GLN D 5 -33.32 -10.95 0.13
CA GLN D 5 -34.38 -11.75 0.72
C GLN D 5 -34.13 -13.23 0.44
N GLU D 6 -34.12 -14.03 1.50
CA GLU D 6 -33.90 -15.46 1.41
C GLU D 6 -35.23 -16.20 1.51
N SER D 7 -35.30 -17.36 0.86
CA SER D 7 -36.52 -18.15 0.86
C SER D 7 -36.23 -19.60 1.23
N GLY D 8 -37.24 -20.45 1.13
CA GLY D 8 -37.08 -21.85 1.48
C GLY D 8 -37.01 -22.05 2.99
N GLY D 9 -36.71 -23.28 3.37
CA GLY D 9 -36.56 -23.64 4.75
C GLY D 9 -37.80 -24.31 5.32
N GLY D 10 -37.92 -24.20 6.65
CA GLY D 10 -39.06 -24.79 7.35
C GLY D 10 -38.69 -26.03 8.13
N LEU D 11 -39.59 -27.00 8.20
CA LEU D 11 -39.37 -28.25 8.90
C LEU D 11 -39.30 -29.38 7.89
N VAL D 12 -38.18 -30.09 7.86
CA VAL D 12 -37.96 -31.20 6.95
C VAL D 12 -37.41 -32.37 7.75
N GLN D 13 -37.95 -33.57 7.51
CA GLN D 13 -37.48 -34.75 8.21
C GLN D 13 -36.04 -35.06 7.80
N PRO D 14 -35.25 -35.64 8.71
CA PRO D 14 -33.86 -35.95 8.38
C PRO D 14 -33.75 -36.91 7.20
N GLY D 15 -32.72 -36.71 6.39
CA GLY D 15 -32.51 -37.51 5.20
C GLY D 15 -33.24 -37.06 3.97
N GLY D 16 -33.96 -35.94 4.04
CA GLY D 16 -34.72 -35.44 2.90
C GLY D 16 -33.91 -34.49 2.04
N SER D 17 -34.62 -33.66 1.30
CA SER D 17 -34.03 -32.64 0.45
C SER D 17 -34.83 -31.35 0.57
N LEU D 18 -34.13 -30.22 0.62
CA LEU D 18 -34.77 -28.92 0.75
C LEU D 18 -33.87 -27.87 0.12
N ARG D 19 -34.48 -26.86 -0.49
CA ARG D 19 -33.76 -25.91 -1.33
C ARG D 19 -33.96 -24.49 -0.80
N LEU D 20 -32.89 -23.70 -0.82
CA LEU D 20 -32.94 -22.29 -0.45
C LEU D 20 -32.68 -21.43 -1.68
N SER D 21 -33.48 -20.39 -1.85
CA SER D 21 -33.29 -19.40 -2.90
C SER D 21 -33.27 -18.01 -2.28
N CYS D 22 -32.22 -17.26 -2.57
CA CYS D 22 -32.05 -15.91 -2.03
C CYS D 22 -32.03 -14.92 -3.18
N ALA D 23 -32.94 -13.95 -3.13
CA ALA D 23 -33.07 -12.96 -4.19
C ALA D 23 -32.18 -11.76 -3.90
N ALA D 24 -31.55 -11.24 -4.95
CA ALA D 24 -30.62 -10.14 -4.84
C ALA D 24 -31.19 -8.89 -5.50
N SER D 25 -30.95 -7.74 -4.88
CA SER D 25 -31.45 -6.48 -5.40
C SER D 25 -30.53 -5.36 -4.93
N GLY D 26 -30.37 -4.35 -5.80
CA GLY D 26 -29.60 -3.17 -5.47
C GLY D 26 -28.14 -3.21 -5.83
N PHE D 27 -27.63 -4.34 -6.31
CA PHE D 27 -26.22 -4.43 -6.69
C PHE D 27 -26.08 -5.36 -7.89
N THR D 28 -24.99 -5.19 -8.62
CA THR D 28 -24.69 -6.07 -9.74
C THR D 28 -24.28 -7.45 -9.23
N PHE D 29 -25.05 -8.46 -9.59
CA PHE D 29 -24.81 -9.81 -9.08
C PHE D 29 -23.48 -10.37 -9.58
N SER D 30 -23.14 -10.12 -10.84
CA SER D 30 -21.96 -10.71 -11.44
C SER D 30 -20.66 -10.20 -10.85
N ASN D 31 -20.68 -9.11 -10.08
CA ASN D 31 -19.48 -8.48 -9.56
C ASN D 31 -19.15 -8.91 -8.14
N TYR D 32 -19.95 -9.79 -7.52
CA TYR D 32 -19.82 -10.05 -6.10
C TYR D 32 -19.76 -11.54 -5.84
N LYS D 33 -18.78 -11.95 -5.04
CA LYS D 33 -18.77 -13.30 -4.49
C LYS D 33 -19.81 -13.41 -3.38
N MET D 34 -20.58 -14.49 -3.41
CA MET D 34 -21.65 -14.69 -2.44
C MET D 34 -21.40 -15.96 -1.64
N ASN D 35 -21.88 -15.96 -0.40
CA ASN D 35 -21.66 -17.08 0.49
C ASN D 35 -22.81 -17.18 1.48
N TRP D 36 -23.03 -18.40 1.98
CA TRP D 36 -24.07 -18.68 2.96
C TRP D 36 -23.47 -18.81 4.35
N VAL D 37 -24.14 -18.23 5.34
CA VAL D 37 -23.74 -18.30 6.74
C VAL D 37 -24.93 -18.82 7.54
N ARG D 38 -24.69 -19.81 8.40
CA ARG D 38 -25.73 -20.38 9.23
C ARG D 38 -25.43 -20.09 10.70
N GLN D 39 -26.47 -20.20 11.53
CA GLN D 39 -26.35 -19.92 12.96
C GLN D 39 -27.31 -20.85 13.70
N ALA D 40 -26.78 -21.94 14.26
CA ALA D 40 -27.58 -22.82 15.08
C ALA D 40 -28.02 -22.10 16.35
N PRO D 41 -29.14 -22.51 16.94
CA PRO D 41 -29.60 -21.85 18.18
C PRO D 41 -28.53 -21.89 19.26
N GLY D 42 -28.30 -20.74 19.88
CA GLY D 42 -27.23 -20.63 20.87
C GLY D 42 -25.84 -20.46 20.30
N LYS D 43 -25.48 -21.29 19.33
CA LYS D 43 -24.15 -21.20 18.72
C LYS D 43 -24.06 -19.96 17.84
N GLY D 44 -22.81 -19.60 17.50
CA GLY D 44 -22.55 -18.42 16.70
C GLY D 44 -22.67 -18.69 15.21
N LEU D 45 -22.37 -17.66 14.43
CA LEU D 45 -22.46 -17.76 12.98
C LEU D 45 -21.30 -18.57 12.42
N GLU D 46 -21.62 -19.53 11.56
CA GLU D 46 -20.63 -20.40 10.94
C GLU D 46 -20.77 -20.31 9.43
N TRP D 47 -19.64 -20.14 8.75
CA TRP D 47 -19.65 -20.09 7.29
C TRP D 47 -19.94 -21.46 6.71
N VAL D 48 -20.86 -21.50 5.74
CA VAL D 48 -21.31 -22.76 5.16
C VAL D 48 -20.56 -23.02 3.86
N SER D 49 -20.72 -22.14 2.87
CA SER D 49 -20.08 -22.30 1.59
C SER D 49 -20.02 -20.96 0.89
N ASP D 50 -19.11 -20.85 -0.09
CA ASP D 50 -18.96 -19.66 -0.91
C ASP D 50 -18.82 -20.05 -2.37
N ILE D 51 -19.20 -19.14 -3.25
CA ILE D 51 -19.12 -19.35 -4.69
C ILE D 51 -18.61 -18.06 -5.34
N SER D 52 -17.70 -18.21 -6.30
CA SER D 52 -17.11 -17.06 -6.97
C SER D 52 -18.13 -16.41 -7.90
N GLN D 53 -17.68 -15.36 -8.59
CA GLN D 53 -18.56 -14.61 -9.49
C GLN D 53 -19.02 -15.48 -10.67
N SER D 54 -18.10 -16.24 -11.26
CA SER D 54 -18.41 -17.06 -12.42
C SER D 54 -18.93 -18.45 -12.05
N GLY D 55 -19.01 -18.77 -10.77
CA GLY D 55 -19.43 -20.09 -10.35
C GLY D 55 -18.37 -21.16 -10.47
N ALA D 56 -17.10 -20.78 -10.60
CA ALA D 56 -16.01 -21.74 -10.73
C ALA D 56 -15.37 -22.06 -9.38
N SER D 57 -14.93 -21.04 -8.66
CA SER D 57 -14.29 -21.24 -7.35
C SER D 57 -15.37 -21.48 -6.31
N ILE D 58 -15.57 -22.76 -5.96
CA ILE D 58 -16.60 -23.16 -5.03
C ILE D 58 -15.96 -23.96 -3.90
N SER D 59 -16.26 -23.59 -2.66
CA SER D 59 -15.74 -24.29 -1.50
C SER D 59 -16.87 -24.46 -0.49
N TYR D 60 -16.71 -25.44 0.40
CA TYR D 60 -17.72 -25.79 1.38
C TYR D 60 -17.08 -25.96 2.76
N THR D 61 -17.89 -25.77 3.80
CA THR D 61 -17.49 -26.17 5.13
C THR D 61 -17.33 -27.69 5.17
N GLY D 62 -16.34 -28.16 5.92
CA GLY D 62 -16.07 -29.59 5.95
C GLY D 62 -17.27 -30.41 6.39
N SER D 63 -18.00 -29.94 7.40
CA SER D 63 -19.14 -30.67 7.92
C SER D 63 -20.28 -30.80 6.91
N VAL D 64 -20.30 -29.97 5.88
CA VAL D 64 -21.37 -30.01 4.88
C VAL D 64 -20.89 -30.44 3.50
N LYS D 65 -19.60 -30.71 3.33
CA LYS D 65 -19.11 -31.15 2.03
C LYS D 65 -19.65 -32.54 1.70
N GLY D 66 -20.04 -32.73 0.45
CA GLY D 66 -20.61 -33.98 0.02
C GLY D 66 -22.10 -34.10 0.22
N ARG D 67 -22.72 -33.16 0.95
CA ARG D 67 -24.15 -33.14 1.16
C ARG D 67 -24.82 -31.93 0.54
N PHE D 68 -24.25 -30.74 0.71
CA PHE D 68 -24.82 -29.53 0.16
C PHE D 68 -24.07 -29.12 -1.10
N THR D 69 -24.80 -28.49 -2.01
CA THR D 69 -24.22 -27.95 -3.23
C THR D 69 -24.76 -26.55 -3.43
N ILE D 70 -23.94 -25.69 -4.02
CA ILE D 70 -24.28 -24.28 -4.19
C ILE D 70 -24.14 -23.91 -5.66
N SER D 71 -25.15 -23.20 -6.17
CA SER D 71 -25.15 -22.75 -7.55
C SER D 71 -25.91 -21.43 -7.63
N ARG D 72 -25.45 -20.55 -8.52
CA ARG D 72 -26.06 -19.25 -8.70
C ARG D 72 -26.49 -19.07 -10.14
N ASP D 73 -27.58 -18.33 -10.34
CA ASP D 73 -28.07 -17.96 -11.67
C ASP D 73 -27.89 -16.46 -11.82
N ASN D 74 -26.85 -16.07 -12.57
CA ASN D 74 -26.52 -14.65 -12.67
C ASN D 74 -27.61 -13.85 -13.36
N ALA D 75 -28.25 -14.44 -14.37
CA ALA D 75 -29.32 -13.74 -15.08
C ALA D 75 -30.51 -13.46 -14.16
N LYS D 76 -30.88 -14.42 -13.32
CA LYS D 76 -32.02 -14.28 -12.44
C LYS D 76 -31.68 -13.62 -11.11
N ASN D 77 -30.40 -13.32 -10.86
CA ASN D 77 -29.96 -12.68 -9.63
C ASN D 77 -30.42 -13.45 -8.38
N THR D 78 -30.29 -14.77 -8.44
CA THR D 78 -30.68 -15.62 -7.31
C THR D 78 -29.55 -16.60 -7.02
N LEU D 79 -29.44 -16.96 -5.74
CA LEU D 79 -28.42 -17.89 -5.27
C LEU D 79 -29.09 -19.10 -4.64
N TYR D 80 -28.70 -20.29 -5.08
CA TYR D 80 -29.30 -21.54 -4.65
C TYR D 80 -28.26 -22.40 -3.95
N LEU D 81 -28.67 -23.04 -2.85
CA LEU D 81 -27.85 -24.06 -2.19
C LEU D 81 -28.77 -25.13 -1.64
N GLN D 82 -28.45 -26.39 -1.95
CA GLN D 82 -29.37 -27.51 -1.82
C GLN D 82 -29.07 -28.33 -0.57
N MET D 83 -30.13 -28.89 0.03
CA MET D 83 -29.99 -29.87 1.11
C MET D 83 -29.97 -31.27 0.50
N ASN D 84 -29.11 -32.12 1.03
CA ASN D 84 -29.18 -33.55 0.77
C ASN D 84 -28.78 -34.30 2.05
N SER D 85 -29.59 -35.30 2.40
CA SER D 85 -29.38 -36.12 3.60
C SER D 85 -29.15 -35.24 4.82
N LEU D 86 -30.18 -34.48 5.19
CA LEU D 86 -30.08 -33.59 6.33
C LEU D 86 -29.89 -34.37 7.63
N LYS D 87 -29.25 -33.71 8.59
CA LYS D 87 -29.00 -34.27 9.91
C LYS D 87 -29.53 -33.32 10.97
N PRO D 88 -29.84 -33.83 12.17
CA PRO D 88 -30.39 -32.94 13.21
C PRO D 88 -29.43 -31.85 13.65
N GLU D 89 -28.13 -31.98 13.34
CA GLU D 89 -27.17 -30.98 13.75
C GLU D 89 -27.13 -29.77 12.82
N ASP D 90 -27.83 -29.81 11.68
CA ASP D 90 -27.81 -28.71 10.73
C ASP D 90 -28.99 -27.75 10.90
N THR D 91 -29.80 -27.92 11.94
CA THR D 91 -30.85 -26.95 12.21
C THR D 91 -30.24 -25.62 12.61
N ALA D 92 -30.57 -24.58 11.86
CA ALA D 92 -29.95 -23.27 12.03
C ALA D 92 -30.77 -22.23 11.26
N VAL D 93 -30.36 -20.98 11.39
CA VAL D 93 -30.95 -19.88 10.63
C VAL D 93 -29.97 -19.56 9.51
N TYR D 94 -30.19 -20.15 8.34
CA TYR D 94 -29.29 -19.96 7.21
C TYR D 94 -29.50 -18.57 6.61
N TYR D 95 -28.39 -17.91 6.31
CA TYR D 95 -28.39 -16.57 5.74
C TYR D 95 -27.68 -16.59 4.40
N CYS D 96 -28.10 -15.70 3.51
CA CYS D 96 -27.38 -15.44 2.27
C CYS D 96 -26.68 -14.10 2.43
N ALA D 97 -25.37 -14.08 2.21
CA ALA D 97 -24.55 -12.91 2.46
C ALA D 97 -23.63 -12.64 1.29
N ARG D 98 -23.22 -11.39 1.15
CA ARG D 98 -22.46 -10.91 0.01
C ARG D 98 -21.08 -10.46 0.46
N CYS D 99 -20.08 -10.71 -0.37
CA CYS D 99 -18.73 -10.24 -0.08
C CYS D 99 -18.72 -8.72 -0.15
N PRO D 100 -18.10 -8.03 0.81
CA PRO D 100 -18.23 -6.56 0.87
C PRO D 100 -17.71 -5.83 -0.35
N ALA D 101 -16.66 -6.31 -0.98
CA ALA D 101 -16.16 -5.51 -2.07
C ALA D 101 -16.35 -6.21 -3.40
N PRO D 102 -16.64 -5.47 -4.47
CA PRO D 102 -16.80 -6.10 -5.78
C PRO D 102 -15.46 -6.51 -6.37
N PHE D 103 -15.47 -7.63 -7.10
CA PHE D 103 -14.30 -8.13 -7.82
C PHE D 103 -13.12 -8.33 -6.87
N THR D 104 -13.39 -9.08 -5.80
CA THR D 104 -12.38 -9.33 -4.78
C THR D 104 -12.44 -10.81 -4.41
N ARG D 105 -11.26 -11.40 -4.20
CA ARG D 105 -11.13 -12.81 -3.91
C ARG D 105 -11.10 -13.11 -2.41
N ASP D 106 -11.24 -12.09 -1.57
CA ASP D 106 -11.22 -12.27 -0.11
C ASP D 106 -12.44 -11.60 0.50
N CYS D 107 -12.95 -12.21 1.57
CA CYS D 107 -14.14 -11.71 2.24
C CYS D 107 -13.91 -11.68 3.76
N PHE D 108 -14.61 -10.77 4.41
CA PHE D 108 -14.61 -10.62 5.87
C PHE D 108 -16.04 -10.68 6.39
N ASP D 109 -16.82 -11.61 5.85
CA ASP D 109 -18.29 -11.54 6.10
C ASP D 109 -18.80 -11.98 7.48
N VAL D 110 -18.43 -13.16 7.98
CA VAL D 110 -19.09 -13.62 9.18
C VAL D 110 -18.85 -12.66 10.33
N THR D 111 -19.93 -12.09 10.85
CA THR D 111 -19.87 -11.12 11.95
C THR D 111 -21.11 -11.28 12.80
N SER D 112 -20.97 -10.95 14.09
CA SER D 112 -22.08 -11.04 15.03
C SER D 112 -23.05 -9.90 14.73
N THR D 113 -23.89 -10.14 13.72
CA THR D 113 -24.81 -9.14 13.19
C THR D 113 -24.00 -7.93 12.73
N THR D 114 -24.63 -6.75 12.67
CA THR D 114 -23.98 -5.51 12.25
C THR D 114 -23.31 -5.66 10.89
N TYR D 115 -23.81 -6.57 10.06
CA TYR D 115 -23.30 -6.77 8.71
C TYR D 115 -24.45 -6.52 7.75
N ALA D 116 -24.39 -5.40 7.02
CA ALA D 116 -25.51 -4.98 6.19
C ALA D 116 -25.72 -5.90 5.00
N TYR D 117 -24.65 -6.41 4.41
CA TYR D 117 -24.77 -7.20 3.18
C TYR D 117 -25.14 -8.64 3.50
N ARG D 118 -26.20 -8.82 4.28
CA ARG D 118 -26.71 -10.14 4.62
C ARG D 118 -28.19 -10.02 4.90
N GLY D 119 -28.96 -10.99 4.45
CA GLY D 119 -30.40 -10.97 4.62
C GLY D 119 -30.82 -11.35 6.03
N GLN D 120 -32.13 -11.40 6.23
CA GLN D 120 -32.69 -11.81 7.52
C GLN D 120 -32.78 -13.31 7.69
N GLY D 121 -32.57 -14.08 6.62
CA GLY D 121 -32.44 -15.51 6.72
C GLY D 121 -33.76 -16.24 6.86
N THR D 122 -33.68 -17.56 6.73
CA THR D 122 -34.83 -18.44 6.87
C THR D 122 -34.50 -19.52 7.89
N GLN D 123 -35.39 -19.73 8.86
CA GLN D 123 -35.18 -20.74 9.87
C GLN D 123 -35.43 -22.13 9.30
N VAL D 124 -34.48 -23.03 9.51
CA VAL D 124 -34.59 -24.41 9.07
C VAL D 124 -34.45 -25.32 10.28
N THR D 125 -35.41 -26.23 10.46
CA THR D 125 -35.43 -27.13 11.59
C THR D 125 -35.59 -28.56 11.08
N VAL D 126 -34.77 -29.46 11.60
CA VAL D 126 -34.81 -30.88 11.23
C VAL D 126 -35.09 -31.66 12.51
N SER D 127 -36.37 -31.91 12.76
CA SER D 127 -36.77 -32.62 13.97
C SER D 127 -37.67 -33.83 13.70
N SER D 128 -38.53 -33.74 12.70
CA SER D 128 -39.48 -34.81 12.38
C SER D 128 -40.35 -35.19 13.58
N ALA E 59 35.23 5.98 -42.23
CA ALA E 59 34.56 6.21 -40.95
C ALA E 59 34.21 4.88 -40.28
N GLY E 60 35.11 3.91 -40.38
CA GLY E 60 34.93 2.63 -39.74
C GLY E 60 34.83 2.75 -38.23
N MET E 61 35.89 3.27 -37.61
CA MET E 61 35.84 3.59 -36.19
C MET E 61 34.97 4.80 -35.89
N GLY E 62 34.65 5.61 -36.91
CA GLY E 62 33.76 6.74 -36.71
C GLY E 62 32.32 6.35 -36.44
N LEU E 63 31.98 5.08 -36.63
CA LEU E 63 30.65 4.56 -36.31
C LEU E 63 30.71 3.51 -35.21
N LEU E 64 31.72 2.63 -35.26
CA LEU E 64 31.86 1.60 -34.24
C LEU E 64 32.21 2.16 -32.87
N MET E 65 32.95 3.26 -32.82
CA MET E 65 33.32 3.90 -31.55
C MET E 65 32.42 5.06 -31.20
N ALA E 66 31.80 5.71 -32.18
CA ALA E 66 30.82 6.75 -31.88
C ALA E 66 29.55 6.14 -31.28
N LEU E 67 29.28 4.88 -31.59
CA LEU E 67 28.09 4.23 -31.06
C LEU E 67 28.23 3.94 -29.57
N ILE E 68 29.39 3.43 -29.15
CA ILE E 68 29.55 3.04 -27.75
C ILE E 68 29.52 4.24 -26.83
N VAL E 69 30.13 5.36 -27.25
CA VAL E 69 30.11 6.55 -26.41
C VAL E 69 28.70 7.12 -26.30
N LEU E 70 27.95 7.09 -27.41
CA LEU E 70 26.58 7.57 -27.37
C LEU E 70 25.72 6.71 -26.46
N LEU E 71 25.83 5.38 -26.58
CA LEU E 71 25.12 4.50 -25.67
C LEU E 71 25.60 4.67 -24.24
N ILE E 72 26.88 4.97 -24.07
CA ILE E 72 27.42 5.22 -22.73
C ILE E 72 26.74 6.43 -22.10
N VAL E 73 26.60 7.50 -22.89
CA VAL E 73 25.98 8.71 -22.35
C VAL E 73 24.46 8.59 -22.32
N ALA E 74 23.86 7.96 -23.34
CA ALA E 74 22.40 7.93 -23.42
C ALA E 74 21.81 7.17 -22.26
N GLY E 75 22.35 5.98 -21.96
CA GLY E 75 21.85 5.21 -20.85
C GLY E 75 22.17 5.84 -19.50
N ASN E 76 23.38 6.36 -19.35
CA ASN E 76 23.86 6.75 -18.04
C ASN E 76 23.16 8.00 -17.52
N VAL E 77 23.06 9.04 -18.35
CA VAL E 77 22.37 10.24 -17.89
C VAL E 77 20.88 9.94 -17.70
N LEU E 78 20.33 9.04 -18.52
CA LEU E 78 18.96 8.61 -18.34
C LEU E 78 18.76 7.94 -16.98
N VAL E 79 19.78 7.23 -16.49
CA VAL E 79 19.71 6.67 -15.14
C VAL E 79 19.81 7.77 -14.09
N ILE E 80 20.74 8.71 -14.27
CA ILE E 80 20.96 9.75 -13.27
C ILE E 80 19.74 10.64 -13.14
N VAL E 81 19.18 11.07 -14.27
CA VAL E 81 18.00 11.94 -14.22
C VAL E 81 16.81 11.18 -13.65
N ALA E 82 16.73 9.88 -13.91
CA ALA E 82 15.59 9.10 -13.41
C ALA E 82 15.57 9.06 -11.88
N ILE E 83 16.71 8.78 -11.27
CA ILE E 83 16.74 8.64 -9.81
C ILE E 83 16.42 9.98 -9.15
N ALA E 84 17.01 11.07 -9.64
CA ALA E 84 16.78 12.36 -9.03
C ALA E 84 15.35 12.85 -9.21
N LYS E 85 14.76 12.58 -10.38
CA LYS E 85 13.44 13.11 -10.68
C LYS E 85 12.37 12.48 -9.78
N THR E 86 12.34 11.15 -9.70
CA THR E 86 11.29 10.53 -8.90
C THR E 86 11.84 10.12 -7.54
N PRO E 87 11.18 10.49 -6.43
CA PRO E 87 11.70 10.14 -5.11
C PRO E 87 11.59 8.67 -4.76
N ARG E 88 10.83 7.88 -5.53
CA ARG E 88 10.74 6.45 -5.26
C ARG E 88 12.08 5.76 -5.44
N LEU E 89 12.83 6.14 -6.47
CA LEU E 89 14.14 5.55 -6.73
C LEU E 89 15.25 6.17 -5.89
N GLN E 90 14.96 7.21 -5.12
CA GLN E 90 15.96 7.81 -4.25
C GLN E 90 16.11 6.98 -2.97
N THR E 91 16.39 5.69 -3.13
CA THR E 91 16.52 4.80 -1.99
C THR E 91 17.99 4.75 -1.54
N LEU E 92 18.25 3.90 -0.55
CA LEU E 92 19.58 3.83 0.04
C LEU E 92 20.58 3.20 -0.93
N THR E 93 20.20 2.11 -1.58
CA THR E 93 21.14 1.40 -2.44
C THR E 93 21.38 2.15 -3.75
N ASN E 94 20.38 2.88 -4.25
CA ASN E 94 20.53 3.54 -5.54
C ASN E 94 21.42 4.78 -5.49
N LEU E 95 21.83 5.23 -4.29
CA LEU E 95 22.81 6.30 -4.22
C LEU E 95 24.15 5.81 -4.78
N PHE E 96 24.51 4.56 -4.49
CA PHE E 96 25.68 3.96 -5.11
C PHE E 96 25.51 3.85 -6.62
N ILE E 97 24.28 3.59 -7.08
CA ILE E 97 23.98 3.58 -8.50
C ILE E 97 24.26 4.95 -9.11
N MET E 98 23.95 6.03 -8.35
CA MET E 98 24.34 7.36 -8.80
C MET E 98 25.84 7.47 -8.98
N SER E 99 26.62 6.90 -8.04
CA SER E 99 28.08 6.97 -8.16
C SER E 99 28.56 6.22 -9.40
N LEU E 100 28.02 5.03 -9.64
CA LEU E 100 28.42 4.26 -10.82
C LEU E 100 28.05 5.01 -12.10
N ALA E 101 26.84 5.56 -12.16
CA ALA E 101 26.41 6.30 -13.34
C ALA E 101 27.24 7.55 -13.56
N SER E 102 27.57 8.27 -12.49
CA SER E 102 28.39 9.48 -12.62
C SER E 102 29.78 9.13 -13.12
N ALA E 103 30.38 8.06 -12.56
CA ALA E 103 31.69 7.62 -13.04
C ALA E 103 31.67 7.23 -14.51
N ASP E 104 30.67 6.46 -14.92
CA ASP E 104 30.58 6.10 -16.33
C ASP E 104 30.27 7.29 -17.22
N LEU E 105 29.55 8.28 -16.71
CA LEU E 105 29.26 9.48 -17.50
C LEU E 105 30.50 10.33 -17.71
N VAL E 106 31.28 10.57 -16.64
CA VAL E 106 32.52 11.32 -16.82
C VAL E 106 33.48 10.54 -17.71
N MET E 107 33.47 9.21 -17.59
CA MET E 107 34.19 8.38 -18.56
C MET E 107 33.78 8.73 -19.98
N GLY E 108 32.49 8.55 -20.30
CA GLY E 108 31.97 8.74 -21.65
C GLY E 108 32.03 10.17 -22.15
N LEU E 109 32.31 11.14 -21.28
CA LEU E 109 32.46 12.53 -21.71
C LEU E 109 33.91 12.99 -21.72
N LEU E 110 34.84 12.27 -21.11
CA LEU E 110 36.18 12.81 -21.00
C LEU E 110 37.26 11.91 -21.57
N VAL E 111 37.08 10.59 -21.50
CA VAL E 111 38.11 9.65 -21.94
C VAL E 111 37.69 8.87 -23.17
N VAL E 112 36.45 8.38 -23.21
CA VAL E 112 36.00 7.59 -24.36
C VAL E 112 36.02 8.39 -25.65
N PRO E 113 35.45 9.61 -25.72
CA PRO E 113 35.56 10.36 -26.99
C PRO E 113 37.00 10.66 -27.38
N PHE E 114 37.85 11.01 -26.41
CA PHE E 114 39.24 11.30 -26.74
C PHE E 114 40.02 10.03 -27.05
N GLY E 115 39.69 8.92 -26.39
CA GLY E 115 40.30 7.65 -26.76
C GLY E 115 39.94 7.25 -28.17
N ALA E 116 38.72 7.55 -28.60
CA ALA E 116 38.32 7.27 -29.98
C ALA E 116 39.20 8.03 -30.96
N THR E 117 39.45 9.32 -30.70
CA THR E 117 40.35 10.09 -31.55
C THR E 117 41.76 9.54 -31.52
N ILE E 118 42.25 9.19 -30.33
CA ILE E 118 43.59 8.63 -30.20
C ILE E 118 43.72 7.32 -30.97
N VAL E 119 42.61 6.62 -31.17
CA VAL E 119 42.63 5.38 -31.96
C VAL E 119 42.56 5.67 -33.46
N VAL E 120 41.66 6.56 -33.89
CA VAL E 120 41.46 6.72 -35.33
C VAL E 120 42.56 7.56 -35.94
N TRP E 121 42.89 8.70 -35.32
CA TRP E 121 43.90 9.58 -35.88
C TRP E 121 45.29 8.96 -35.84
N GLY E 122 45.50 7.95 -34.99
CA GLY E 122 46.77 7.26 -34.89
C GLY E 122 47.73 7.84 -33.87
N ARG E 123 47.49 9.06 -33.39
CA ARG E 123 48.38 9.68 -32.43
C ARG E 123 47.62 10.74 -31.66
N TRP E 124 48.15 11.07 -30.49
CA TRP E 124 47.57 12.12 -29.65
C TRP E 124 47.79 13.48 -30.31
N GLU E 125 46.77 14.33 -30.23
CA GLU E 125 46.84 15.65 -30.85
C GLU E 125 46.25 16.71 -29.94
N TYR E 126 46.57 16.64 -28.65
CA TYR E 126 46.05 17.61 -27.68
C TYR E 126 47.10 18.14 -26.71
N GLY E 127 48.32 17.61 -26.73
CA GLY E 127 49.37 18.11 -25.87
C GLY E 127 49.71 17.15 -24.76
N SER E 128 50.95 17.26 -24.26
CA SER E 128 51.45 16.36 -23.23
C SER E 128 50.66 16.51 -21.94
N PHE E 129 50.37 17.76 -21.54
CA PHE E 129 49.57 17.97 -20.34
C PHE E 129 48.16 17.40 -20.51
N PHE E 130 47.56 17.60 -21.69
CA PHE E 130 46.26 17.01 -21.95
C PHE E 130 46.32 15.50 -21.96
N CYS E 131 47.39 14.91 -22.50
CA CYS E 131 47.53 13.47 -22.46
C CYS E 131 47.61 12.95 -21.02
N GLU E 132 48.40 13.62 -20.18
CA GLU E 132 48.52 13.19 -18.79
C GLU E 132 47.20 13.32 -18.06
N LEU E 133 46.49 14.44 -18.26
CA LEU E 133 45.20 14.62 -17.59
C LEU E 133 44.18 13.61 -18.10
N TRP E 134 44.19 13.30 -19.39
CA TRP E 134 43.29 12.31 -19.95
C TRP E 134 43.56 10.92 -19.37
N THR E 135 44.84 10.57 -19.24
CA THR E 135 45.19 9.29 -18.62
C THR E 135 44.75 9.24 -17.17
N SER E 136 44.94 10.35 -16.43
CA SER E 136 44.52 10.40 -15.05
C SER E 136 43.01 10.23 -14.92
N VAL E 137 42.25 10.89 -15.80
CA VAL E 137 40.80 10.75 -15.77
C VAL E 137 40.40 9.33 -16.14
N ASP E 138 41.11 8.72 -17.09
CA ASP E 138 40.84 7.33 -17.45
C ASP E 138 40.96 6.42 -16.23
N VAL E 139 42.10 6.48 -15.55
CA VAL E 139 42.32 5.57 -14.42
C VAL E 139 41.36 5.89 -13.28
N LEU E 140 41.11 7.19 -13.05
CA LEU E 140 40.17 7.59 -12.00
C LEU E 140 38.78 7.00 -12.26
N CYS E 141 38.27 7.18 -13.48
CA CYS E 141 36.94 6.69 -13.80
C CYS E 141 36.87 5.17 -13.72
N VAL E 142 37.91 4.49 -14.23
CA VAL E 142 37.88 3.02 -14.23
C VAL E 142 37.87 2.49 -12.80
N THR E 143 38.79 2.98 -11.96
CA THR E 143 38.85 2.48 -10.60
C THR E 143 37.63 2.90 -9.79
N ALA E 144 37.07 4.08 -10.06
CA ALA E 144 35.85 4.48 -9.37
C ALA E 144 34.69 3.57 -9.72
N SER E 145 34.56 3.22 -11.01
CA SER E 145 33.49 2.32 -11.42
C SER E 145 33.65 0.94 -10.78
N ILE E 146 34.87 0.41 -10.80
CA ILE E 146 35.09 -0.93 -10.25
C ILE E 146 34.84 -0.94 -8.75
N GLU E 147 35.34 0.07 -8.03
CA GLU E 147 35.15 0.12 -6.59
C GLU E 147 33.70 0.40 -6.22
N THR E 148 32.97 1.11 -7.08
CA THR E 148 31.54 1.29 -6.83
C THR E 148 30.78 -0.02 -7.02
N LEU E 149 31.19 -0.82 -8.00
CA LEU E 149 30.62 -2.17 -8.13
C LEU E 149 30.91 -3.00 -6.88
N CYS E 150 32.14 -2.90 -6.37
CA CYS E 150 32.49 -3.60 -5.13
C CYS E 150 31.64 -3.13 -3.96
N VAL E 151 31.41 -1.82 -3.86
CA VAL E 151 30.59 -1.27 -2.79
C VAL E 151 29.15 -1.74 -2.90
N ILE E 152 28.62 -1.79 -4.11
CA ILE E 152 27.26 -2.29 -4.32
C ILE E 152 27.16 -3.75 -3.89
N ALA E 153 28.17 -4.56 -4.27
CA ALA E 153 28.17 -5.95 -3.87
C ALA E 153 28.24 -6.09 -2.35
N LEU E 154 29.05 -5.26 -1.69
CA LEU E 154 29.14 -5.31 -0.24
C LEU E 154 27.81 -4.91 0.40
N ASP E 155 27.13 -3.91 -0.17
CA ASP E 155 25.84 -3.49 0.36
C ASP E 155 24.82 -4.62 0.22
N ARG E 156 24.80 -5.30 -0.92
CA ARG E 156 23.92 -6.44 -1.09
C ARG E 156 24.24 -7.54 -0.09
N TYR E 157 25.53 -7.82 0.11
CA TYR E 157 25.94 -8.83 1.06
C TYR E 157 25.48 -8.49 2.48
N LEU E 158 25.65 -7.24 2.88
CA LEU E 158 25.26 -6.84 4.23
C LEU E 158 23.75 -6.84 4.40
N ALA E 159 23.02 -6.49 3.33
CA ALA E 159 21.56 -6.53 3.38
C ALA E 159 21.02 -7.96 3.42
N ILE E 160 21.70 -8.91 2.79
CA ILE E 160 21.24 -10.30 2.73
C ILE E 160 21.62 -11.07 3.99
N THR E 161 22.91 -11.08 4.33
CA THR E 161 23.38 -11.93 5.42
C THR E 161 23.17 -11.31 6.79
N SER E 162 22.84 -10.03 6.87
CA SER E 162 22.58 -9.36 8.15
C SER E 162 21.49 -8.32 7.95
N PRO E 163 20.23 -8.76 7.84
CA PRO E 163 19.16 -7.83 7.47
C PRO E 163 18.88 -6.76 8.51
N PHE E 164 18.69 -7.17 9.77
CA PHE E 164 18.41 -6.20 10.83
C PHE E 164 19.60 -5.26 11.03
N ARG E 165 20.81 -5.82 11.04
CA ARG E 165 22.01 -4.99 11.18
C ARG E 165 22.16 -4.04 10.00
N TYR E 166 21.85 -4.49 8.78
CA TYR E 166 21.90 -3.61 7.63
C TYR E 166 20.90 -2.47 7.75
N GLN E 167 19.68 -2.78 8.19
CA GLN E 167 18.66 -1.75 8.35
C GLN E 167 19.08 -0.73 9.41
N SER E 168 19.64 -1.20 10.52
CA SER E 168 19.95 -0.33 11.65
C SER E 168 21.37 0.22 11.61
N LEU E 169 22.15 -0.07 10.58
CA LEU E 169 23.55 0.33 10.54
C LEU E 169 23.86 1.35 9.46
N LEU E 170 23.54 1.06 8.20
CA LEU E 170 23.94 1.91 7.08
C LEU E 170 22.83 2.92 6.83
N THR E 171 23.16 4.21 6.87
CA THR E 171 22.21 5.29 6.73
C THR E 171 22.63 6.22 5.60
N ARG E 172 21.84 7.26 5.39
CA ARG E 172 22.12 8.22 4.32
C ARG E 172 23.45 8.93 4.56
N ALA E 173 23.72 9.32 5.80
CA ALA E 173 25.00 9.95 6.12
C ALA E 173 26.16 9.00 5.83
N ARG E 174 26.03 7.75 6.24
CA ARG E 174 27.08 6.77 5.97
C ARG E 174 27.16 6.37 4.50
N ALA E 175 26.05 6.38 3.76
CA ALA E 175 26.12 6.15 2.33
C ALA E 175 26.89 7.28 1.63
N ARG E 176 26.60 8.53 2.03
CA ARG E 176 27.36 9.66 1.49
C ARG E 176 28.84 9.55 1.85
N GLY E 177 29.13 9.17 3.09
CA GLY E 177 30.51 8.94 3.49
C GLY E 177 31.17 7.86 2.67
N LEU E 178 30.44 6.79 2.36
CA LEU E 178 30.99 5.69 1.59
C LEU E 178 31.34 6.13 0.17
N VAL E 179 30.42 6.85 -0.48
CA VAL E 179 30.71 7.28 -1.86
C VAL E 179 31.83 8.32 -1.87
N CYS E 180 31.84 9.22 -0.88
CA CYS E 180 32.93 10.18 -0.80
C CYS E 180 34.27 9.49 -0.59
N THR E 181 34.30 8.49 0.29
CA THR E 181 35.52 7.75 0.55
C THR E 181 35.98 6.98 -0.68
N VAL E 182 35.04 6.36 -1.41
CA VAL E 182 35.41 5.58 -2.57
C VAL E 182 35.96 6.49 -3.67
N TRP E 183 35.35 7.68 -3.84
CA TRP E 183 35.89 8.61 -4.83
C TRP E 183 37.23 9.19 -4.41
N ALA E 184 37.42 9.44 -3.10
CA ALA E 184 38.71 9.92 -2.62
C ALA E 184 39.80 8.88 -2.83
N ILE E 185 39.48 7.61 -2.56
CA ILE E 185 40.45 6.53 -2.76
C ILE E 185 40.77 6.38 -4.24
N SER E 186 39.76 6.46 -5.11
CA SER E 186 40.01 6.37 -6.54
C SER E 186 40.89 7.52 -7.02
N ALA E 187 40.63 8.73 -6.54
CA ALA E 187 41.46 9.87 -6.93
C ALA E 187 42.89 9.73 -6.42
N LEU E 188 43.06 9.27 -5.18
CA LEU E 188 44.40 9.09 -4.64
C LEU E 188 45.18 8.02 -5.40
N VAL E 189 44.52 6.93 -5.77
CA VAL E 189 45.18 5.89 -6.55
C VAL E 189 45.48 6.37 -7.96
N SER E 190 44.62 7.23 -8.51
CA SER E 190 44.74 7.65 -9.90
C SER E 190 45.52 8.95 -10.05
N PHE E 191 45.04 10.02 -9.41
CA PHE E 191 45.62 11.34 -9.65
C PHE E 191 47.03 11.45 -9.08
N LEU E 192 47.24 10.99 -7.85
CA LEU E 192 48.51 11.26 -7.17
C LEU E 192 49.71 10.63 -7.87
N PRO E 193 49.75 9.32 -8.15
CA PRO E 193 50.96 8.77 -8.77
C PRO E 193 50.97 8.87 -10.29
N ILE E 194 50.58 10.01 -10.85
CA ILE E 194 50.66 10.20 -12.28
C ILE E 194 51.35 11.53 -12.56
N LEU E 195 50.85 12.60 -11.93
CA LEU E 195 51.54 13.88 -12.02
C LEU E 195 52.92 13.82 -11.39
N MET E 196 53.13 12.87 -10.47
CA MET E 196 54.44 12.62 -9.89
C MET E 196 55.31 11.71 -10.75
N HIS E 197 54.77 11.24 -11.88
CA HIS E 197 55.49 10.43 -12.85
C HIS E 197 55.99 9.10 -12.28
N TRP E 198 55.25 8.52 -11.33
CA TRP E 198 55.58 7.19 -10.84
C TRP E 198 55.38 6.14 -11.94
N TRP E 199 54.52 6.45 -12.90
CA TRP E 199 54.21 5.50 -13.97
C TRP E 199 55.25 5.48 -15.07
N ARG E 200 56.15 6.45 -15.12
CA ARG E 200 57.14 6.55 -16.20
C ARG E 200 58.10 5.37 -16.09
N ALA E 201 58.25 4.63 -17.18
CA ALA E 201 59.21 3.54 -17.21
C ALA E 201 60.58 4.04 -17.65
N GLU E 202 61.60 3.22 -17.40
CA GLU E 202 62.98 3.57 -17.72
C GLU E 202 63.49 2.82 -18.95
N SER E 203 62.59 2.42 -19.84
CA SER E 203 62.97 1.69 -21.05
C SER E 203 63.21 2.66 -22.20
N ASP E 204 63.99 2.19 -23.19
CA ASP E 204 64.28 3.02 -24.35
C ASP E 204 63.01 3.33 -25.13
N GLU E 205 62.15 2.32 -25.33
CA GLU E 205 60.88 2.56 -26.01
C GLU E 205 59.98 3.47 -25.19
N ALA E 206 59.98 3.30 -23.87
CA ALA E 206 59.16 4.15 -23.01
C ALA E 206 59.65 5.59 -23.03
N ARG E 207 60.97 5.78 -23.12
CA ARG E 207 61.55 7.11 -23.08
C ARG E 207 61.09 7.97 -24.25
N ARG E 208 61.00 7.37 -25.44
CA ARG E 208 60.60 8.12 -26.63
C ARG E 208 59.18 8.64 -26.49
N CYS E 209 58.27 7.82 -25.95
CA CYS E 209 56.87 8.22 -25.87
C CYS E 209 56.66 9.38 -24.91
N TYR E 210 57.39 9.41 -23.79
CA TYR E 210 57.20 10.47 -22.81
C TYR E 210 57.58 11.84 -23.40
N ASN E 211 58.71 11.89 -24.11
CA ASN E 211 59.18 13.16 -24.65
C ASN E 211 58.36 13.60 -25.85
N ASP E 212 57.78 12.67 -26.59
CA ASP E 212 57.00 13.02 -27.76
C ASP E 212 55.70 13.71 -27.33
N PRO E 213 55.26 14.72 -28.08
CA PRO E 213 53.97 15.37 -27.78
C PRO E 213 52.75 14.72 -28.44
N LYS E 214 52.96 13.76 -29.34
CA LYS E 214 51.87 13.05 -30.00
C LYS E 214 51.82 11.58 -29.62
N CYS E 215 52.49 11.19 -28.55
CA CYS E 215 52.49 9.82 -28.06
C CYS E 215 51.78 9.79 -26.71
N CYS E 216 50.63 9.14 -26.66
CA CYS E 216 49.86 9.01 -25.42
C CYS E 216 49.68 7.54 -25.09
N ASP E 217 50.73 6.74 -25.26
CA ASP E 217 50.68 5.32 -25.00
C ASP E 217 51.08 5.03 -23.56
N PHE E 218 50.26 4.23 -22.89
CA PHE E 218 50.46 3.90 -21.48
C PHE E 218 51.46 2.75 -21.37
N VAL E 219 52.74 3.11 -21.46
CA VAL E 219 53.84 2.20 -21.19
C VAL E 219 54.38 2.53 -19.80
N THR E 220 54.37 1.53 -18.91
CA THR E 220 54.66 1.76 -17.50
C THR E 220 55.62 0.71 -16.98
N ASN E 221 56.24 1.02 -15.84
CA ASN E 221 57.13 0.10 -15.17
C ASN E 221 56.33 -1.02 -14.51
N ARG E 222 57.05 -2.08 -14.13
CA ARG E 222 56.39 -3.25 -13.56
C ARG E 222 55.74 -2.95 -12.21
N ALA E 223 56.40 -2.12 -11.38
CA ALA E 223 55.86 -1.85 -10.05
C ALA E 223 54.48 -1.22 -10.13
N TYR E 224 54.33 -0.17 -10.94
CA TYR E 224 53.03 0.46 -11.09
C TYR E 224 52.05 -0.47 -11.79
N ALA E 225 52.49 -1.12 -12.87
CA ALA E 225 51.60 -2.01 -13.63
C ALA E 225 51.10 -3.17 -12.79
N ILE E 226 51.76 -3.48 -11.68
CA ILE E 226 51.31 -4.51 -10.76
C ILE E 226 50.44 -3.93 -9.64
N ALA E 227 50.94 -2.86 -9.00
CA ALA E 227 50.25 -2.31 -7.84
C ALA E 227 48.90 -1.69 -8.23
N SER E 228 48.89 -0.86 -9.27
CA SER E 228 47.62 -0.29 -9.73
C SER E 228 46.67 -1.36 -10.20
N SER E 229 47.17 -2.37 -10.92
CA SER E 229 46.30 -3.43 -11.39
C SER E 229 45.64 -4.16 -10.23
N VAL E 230 46.43 -4.57 -9.23
CA VAL E 230 45.83 -5.31 -8.12
C VAL E 230 44.86 -4.42 -7.36
N VAL E 231 45.30 -3.22 -6.95
CA VAL E 231 44.49 -2.36 -6.09
C VAL E 231 43.29 -1.78 -6.83
N SER E 232 43.27 -1.87 -8.16
CA SER E 232 42.16 -1.35 -8.95
C SER E 232 41.18 -2.42 -9.36
N PHE E 233 41.63 -3.63 -9.66
CA PHE E 233 40.75 -4.66 -10.16
C PHE E 233 40.76 -5.94 -9.33
N TYR E 234 41.93 -6.39 -8.89
CA TYR E 234 42.03 -7.75 -8.34
C TYR E 234 41.43 -7.82 -6.94
N VAL E 235 41.75 -6.85 -6.09
CA VAL E 235 41.14 -6.80 -4.76
C VAL E 235 39.63 -6.59 -4.86
N PRO E 236 39.11 -5.62 -5.64
CA PRO E 236 37.66 -5.55 -5.81
C PRO E 236 37.07 -6.80 -6.44
N LEU E 237 37.77 -7.43 -7.39
CA LEU E 237 37.24 -8.64 -8.01
C LEU E 237 37.13 -9.77 -6.99
N CYS E 238 38.16 -9.97 -6.17
CA CYS E 238 38.10 -11.02 -5.16
C CYS E 238 37.02 -10.72 -4.12
N ILE E 239 36.92 -9.47 -3.68
CA ILE E 239 35.91 -9.10 -2.70
C ILE E 239 34.51 -9.37 -3.26
N MET E 240 34.27 -8.93 -4.49
CA MET E 240 32.97 -9.13 -5.13
C MET E 240 32.67 -10.60 -5.32
N ALA E 241 33.66 -11.38 -5.75
CA ALA E 241 33.45 -12.81 -5.95
C ALA E 241 33.08 -13.49 -4.64
N PHE E 242 33.78 -13.15 -3.56
CA PHE E 242 33.50 -13.81 -2.28
C PHE E 242 32.13 -13.42 -1.75
N VAL E 243 31.78 -12.12 -1.83
CA VAL E 243 30.49 -11.68 -1.28
C VAL E 243 29.35 -12.25 -2.11
N TYR E 244 29.52 -12.31 -3.43
CA TYR E 244 28.45 -12.85 -4.26
C TYR E 244 28.34 -14.36 -4.13
N LEU E 245 29.45 -15.05 -3.87
CA LEU E 245 29.37 -16.48 -3.59
C LEU E 245 28.63 -16.74 -2.29
N ARG E 246 28.91 -15.93 -1.26
CA ARG E 246 28.17 -16.07 -0.01
C ARG E 246 26.69 -15.77 -0.21
N VAL E 247 26.37 -14.74 -1.00
CA VAL E 247 24.98 -14.40 -1.27
C VAL E 247 24.30 -15.54 -2.03
N PHE E 248 24.99 -16.14 -2.99
CA PHE E 248 24.44 -17.26 -3.72
C PHE E 248 24.19 -18.45 -2.81
N ARG E 249 25.12 -18.73 -1.90
CA ARG E 249 24.92 -19.84 -0.97
C ARG E 249 23.73 -19.56 -0.05
N GLU E 250 23.56 -18.31 0.39
CA GLU E 250 22.38 -18.00 1.21
C GLU E 250 21.09 -18.13 0.42
N ALA E 251 21.09 -17.68 -0.84
CA ALA E 251 19.90 -17.83 -1.67
C ALA E 251 19.58 -19.31 -1.90
N GLN E 252 20.60 -20.14 -2.06
CA GLN E 252 20.38 -21.58 -2.21
C GLN E 252 19.91 -22.20 -0.91
N LYS E 253 20.38 -21.70 0.23
CA LYS E 253 19.84 -22.12 1.51
C LYS E 253 18.36 -21.77 1.62
N GLN E 254 17.95 -20.67 1.00
CA GLN E 254 16.53 -20.38 0.85
C GLN E 254 15.91 -21.16 -0.32
N VAL E 255 16.18 -22.46 -0.33
CA VAL E 255 15.42 -23.42 -1.12
C VAL E 255 14.45 -24.21 -0.26
N LYS E 256 14.42 -23.94 1.03
CA LYS E 256 13.50 -24.55 1.99
C LYS E 256 12.05 -24.21 1.73
N LYS E 257 11.76 -23.41 0.70
CA LYS E 257 10.38 -23.14 0.31
C LYS E 257 9.64 -24.45 0.05
N ILE E 258 8.63 -24.71 0.87
CA ILE E 258 7.91 -25.98 0.86
C ILE E 258 6.75 -25.85 -0.12
N ASP E 259 6.84 -26.56 -1.24
CA ASP E 259 5.78 -26.59 -2.23
C ASP E 259 5.29 -28.01 -2.52
N SER E 260 5.81 -29.01 -1.82
CA SER E 260 5.39 -30.38 -2.05
C SER E 260 4.21 -30.75 -1.14
N LEU E 317 12.84 -21.68 -13.64
CA LEU E 317 14.19 -21.25 -13.29
C LEU E 317 14.24 -20.77 -11.83
N ARG E 318 13.30 -21.26 -11.02
CA ARG E 318 13.20 -20.86 -9.62
C ARG E 318 14.49 -21.20 -8.87
N GLU E 319 14.99 -22.42 -9.05
CA GLU E 319 16.24 -22.83 -8.43
C GLU E 319 17.46 -22.35 -9.19
N GLN E 320 17.30 -21.94 -10.44
CA GLN E 320 18.41 -21.47 -11.27
C GLN E 320 18.40 -19.95 -11.43
N LYS E 321 17.47 -19.25 -10.76
CA LYS E 321 17.41 -17.80 -10.86
C LYS E 321 18.69 -17.17 -10.32
N ALA E 322 19.23 -17.71 -9.23
CA ALA E 322 20.46 -17.20 -8.66
C ALA E 322 21.67 -17.44 -9.55
N LEU E 323 21.56 -18.29 -10.55
CA LEU E 323 22.62 -18.51 -11.52
C LEU E 323 22.52 -17.58 -12.72
N LYS E 324 21.47 -16.78 -12.81
CA LYS E 324 21.33 -15.79 -13.87
C LYS E 324 21.68 -14.39 -13.37
N THR E 325 21.09 -13.97 -12.25
CA THR E 325 21.39 -12.64 -11.73
C THR E 325 22.84 -12.50 -11.28
N LEU E 326 23.35 -13.45 -10.49
CA LEU E 326 24.69 -13.34 -9.94
C LEU E 326 25.78 -13.59 -10.98
N GLY E 327 25.52 -14.49 -11.92
CA GLY E 327 26.47 -14.70 -13.01
C GLY E 327 26.58 -13.49 -13.91
N ILE E 328 25.46 -12.83 -14.17
CA ILE E 328 25.47 -11.68 -15.08
C ILE E 328 26.26 -10.52 -14.49
N ILE E 329 26.17 -10.32 -13.17
CA ILE E 329 27.00 -9.28 -12.55
C ILE E 329 28.48 -9.62 -12.71
N MET E 330 28.86 -10.88 -12.47
CA MET E 330 30.24 -11.28 -12.65
C MET E 330 30.59 -11.48 -14.13
N GLY E 331 29.63 -11.92 -14.95
CA GLY E 331 29.92 -12.15 -16.35
C GLY E 331 30.28 -10.87 -17.09
N VAL E 332 29.51 -9.80 -16.88
CA VAL E 332 29.83 -8.51 -17.49
C VAL E 332 31.16 -7.97 -17.00
N PHE E 333 31.43 -8.06 -15.70
CA PHE E 333 32.69 -7.63 -15.12
C PHE E 333 33.89 -8.49 -15.54
N THR E 334 33.73 -9.81 -15.55
CA THR E 334 34.86 -10.68 -15.87
C THR E 334 35.19 -10.65 -17.36
N LEU E 335 34.17 -10.70 -18.21
CA LEU E 335 34.43 -10.82 -19.65
C LEU E 335 35.06 -9.55 -20.21
N CYS E 336 34.89 -8.41 -19.54
CA CYS E 336 35.30 -7.13 -20.10
C CYS E 336 36.55 -6.55 -19.44
N TRP E 337 36.62 -6.55 -18.11
CA TRP E 337 37.76 -5.92 -17.44
C TRP E 337 38.90 -6.88 -17.14
N LEU E 338 38.62 -8.17 -16.91
CA LEU E 338 39.68 -9.13 -16.69
C LEU E 338 40.68 -9.20 -17.84
N PRO E 339 40.27 -9.23 -19.12
CA PRO E 339 41.28 -9.25 -20.19
C PRO E 339 42.23 -8.07 -20.16
N PHE E 340 41.74 -6.89 -19.78
CA PHE E 340 42.61 -5.71 -19.75
C PHE E 340 43.68 -5.84 -18.67
N PHE E 341 43.27 -6.15 -17.45
CA PHE E 341 44.23 -6.22 -16.35
C PHE E 341 45.05 -7.51 -16.37
N LEU E 342 44.58 -8.54 -17.07
CA LEU E 342 45.46 -9.66 -17.37
C LEU E 342 46.57 -9.24 -18.32
N ALA E 343 46.23 -8.45 -19.35
CA ALA E 343 47.25 -7.93 -20.26
C ALA E 343 48.18 -6.96 -19.54
N ASN E 344 47.64 -6.11 -18.67
CA ASN E 344 48.48 -5.17 -17.93
C ASN E 344 49.42 -5.89 -16.97
N VAL E 345 49.11 -7.13 -16.62
CA VAL E 345 50.00 -7.90 -15.75
C VAL E 345 51.04 -8.66 -16.57
N VAL E 346 50.63 -9.21 -17.71
CA VAL E 346 51.53 -9.99 -18.56
C VAL E 346 52.50 -9.05 -19.26
N LYS E 347 52.13 -7.77 -19.37
CA LYS E 347 52.99 -6.76 -19.98
C LYS E 347 54.12 -6.32 -19.06
N ALA E 348 53.88 -6.28 -17.75
CA ALA E 348 54.91 -5.88 -16.81
C ALA E 348 56.05 -6.89 -16.79
N PHE E 349 55.74 -8.18 -16.85
CA PHE E 349 56.77 -9.20 -16.85
C PHE E 349 57.55 -9.23 -18.16
N HIS E 350 56.84 -9.17 -19.29
CA HIS E 350 57.48 -9.18 -20.60
C HIS E 350 56.58 -8.45 -21.57
N ARG E 351 57.11 -7.40 -22.20
CA ARG E 351 56.29 -6.49 -23.00
C ARG E 351 55.93 -7.05 -24.37
N GLU E 352 56.75 -7.94 -24.92
CA GLU E 352 56.60 -8.30 -26.33
C GLU E 352 55.54 -9.36 -26.60
N LEU E 353 55.01 -10.01 -25.56
CA LEU E 353 53.99 -11.04 -25.79
C LEU E 353 52.67 -10.43 -26.26
N VAL E 354 52.21 -9.39 -25.58
CA VAL E 354 50.92 -8.77 -25.88
C VAL E 354 51.14 -7.69 -26.93
N PRO E 355 50.54 -7.79 -28.10
CA PRO E 355 50.64 -6.72 -29.09
C PRO E 355 49.96 -5.45 -28.61
N ASP E 356 50.48 -4.31 -29.09
CA ASP E 356 49.88 -3.03 -28.74
C ASP E 356 48.44 -2.92 -29.22
N ARG E 357 48.12 -3.58 -30.35
CA ARG E 357 46.75 -3.55 -30.83
C ARG E 357 45.81 -4.24 -29.86
N LEU E 358 46.23 -5.36 -29.27
CA LEU E 358 45.38 -6.07 -28.32
C LEU E 358 45.17 -5.26 -27.05
N PHE E 359 46.20 -4.53 -26.61
CA PHE E 359 46.08 -3.74 -25.39
C PHE E 359 45.00 -2.68 -25.52
N VAL E 360 44.97 -1.99 -26.67
CA VAL E 360 43.91 -1.03 -26.94
C VAL E 360 42.58 -1.76 -27.11
N PHE E 361 42.60 -2.95 -27.72
CA PHE E 361 41.39 -3.71 -27.95
C PHE E 361 40.72 -4.04 -26.62
N PHE E 362 41.50 -4.50 -25.65
CA PHE E 362 40.93 -4.86 -24.36
C PHE E 362 40.50 -3.64 -23.57
N ASN E 363 41.14 -2.50 -23.79
CA ASN E 363 40.75 -1.28 -23.08
C ASN E 363 39.34 -0.87 -23.42
N TRP E 364 38.94 -1.01 -24.68
CA TRP E 364 37.60 -0.63 -25.09
C TRP E 364 36.54 -1.58 -24.57
N LEU E 365 36.89 -2.84 -24.30
CA LEU E 365 35.97 -3.73 -23.60
C LEU E 365 35.66 -3.21 -22.21
N GLY E 366 36.68 -2.69 -21.52
CA GLY E 366 36.45 -2.08 -20.21
C GLY E 366 35.56 -0.86 -20.30
N TYR E 367 35.69 -0.08 -21.38
CA TYR E 367 34.82 1.07 -21.56
C TYR E 367 33.38 0.64 -21.80
N ALA E 368 33.17 -0.58 -22.29
CA ALA E 368 31.82 -1.05 -22.58
C ALA E 368 30.98 -1.19 -21.31
N ASN E 369 31.61 -1.49 -20.16
CA ASN E 369 30.86 -1.59 -18.92
C ASN E 369 30.22 -0.27 -18.51
N SER E 370 30.73 0.85 -19.01
CA SER E 370 30.09 2.12 -18.73
C SER E 370 28.67 2.16 -19.29
N ALA E 371 28.42 1.39 -20.35
CA ALA E 371 27.07 1.25 -20.89
C ALA E 371 26.41 -0.05 -20.48
N PHE E 372 27.19 -1.10 -20.22
CA PHE E 372 26.64 -2.36 -19.75
C PHE E 372 26.17 -2.29 -18.30
N ASN E 373 26.58 -1.26 -17.55
CA ASN E 373 26.21 -1.15 -16.14
C ASN E 373 24.79 -0.61 -15.96
N PRO E 374 24.37 0.44 -16.66
CA PRO E 374 22.95 0.82 -16.58
C PRO E 374 22.03 -0.26 -17.09
N ILE E 375 22.49 -1.12 -18.00
CA ILE E 375 21.63 -2.15 -18.57
C ILE E 375 21.52 -3.34 -17.62
N ILE E 376 22.42 -3.44 -16.64
CA ILE E 376 22.38 -4.57 -15.71
C ILE E 376 21.78 -4.19 -14.35
N TYR E 377 22.14 -3.04 -13.81
CA TYR E 377 21.72 -2.67 -12.46
C TYR E 377 20.41 -1.91 -12.41
N CYS E 378 19.81 -1.59 -13.57
CA CYS E 378 18.60 -0.78 -13.61
C CYS E 378 17.46 -1.56 -14.27
N ARG E 379 17.37 -2.85 -13.94
CA ARG E 379 16.32 -3.70 -14.45
C ARG E 379 15.11 -3.79 -13.51
N SER E 380 15.14 -3.05 -12.41
CA SER E 380 14.07 -3.12 -11.44
C SER E 380 12.77 -2.55 -12.03
N PRO E 381 11.63 -3.13 -11.69
CA PRO E 381 10.34 -2.60 -12.18
C PRO E 381 10.11 -1.15 -11.79
N ASP E 382 10.63 -0.71 -10.64
CA ASP E 382 10.55 0.69 -10.27
C ASP E 382 11.34 1.55 -11.23
N PHE E 383 12.50 1.07 -11.69
CA PHE E 383 13.28 1.80 -12.68
C PHE E 383 12.53 1.90 -14.00
N ARG E 384 11.96 0.79 -14.46
CA ARG E 384 11.30 0.77 -15.77
C ARG E 384 10.08 1.68 -15.78
N LYS E 385 9.35 1.72 -14.67
CA LYS E 385 8.19 2.62 -14.58
C LYS E 385 8.63 4.07 -14.72
N ALA E 386 9.74 4.44 -14.07
CA ALA E 386 10.27 5.79 -14.23
C ALA E 386 10.93 5.98 -15.59
N PHE E 387 11.51 4.92 -16.15
CA PHE E 387 12.19 5.04 -17.44
C PHE E 387 11.20 5.31 -18.56
N GLN E 388 10.06 4.61 -18.55
CA GLN E 388 9.05 4.81 -19.58
C GLN E 388 8.50 6.23 -19.54
N GLY E 389 8.26 6.75 -18.34
CA GLY E 389 7.78 8.12 -18.20
C GLY E 389 8.83 9.18 -18.47
N LEU E 390 10.11 8.79 -18.49
CA LEU E 390 11.17 9.75 -18.78
C LEU E 390 11.50 9.77 -20.28
N LEU E 391 11.21 8.67 -20.98
CA LEU E 391 11.51 8.54 -22.40
C LEU E 391 10.32 8.91 -23.27
N CYS E 392 9.25 9.44 -22.68
CA CYS E 392 8.07 9.81 -23.45
C CYS E 392 8.38 10.95 -24.42
N CYS E 393 8.99 12.03 -23.91
CA CYS E 393 9.37 13.19 -24.71
C CYS E 393 8.17 13.75 -25.49
N ALA E 394 7.15 14.15 -24.74
CA ALA E 394 5.93 14.70 -25.33
C ALA E 394 6.18 16.07 -25.94
#